data_4K4W
#
_entry.id   4K4W
#
_cell.length_a   64.487
_cell.length_b   64.367
_cell.length_c   102.285
_cell.angle_alpha   73.650
_cell.angle_beta   73.560
_cell.angle_gamma   72.200
#
_symmetry.space_group_name_H-M   'P 1'
#
loop_
_entity.id
_entity.type
_entity.pdbx_description
1 polymer 'RNA-directed RNA polymerase 3D-POL'
2 polymer "RNA (5'-R(P*GP*GP*GP*AP*GP*AP*UP*GP*AP*AP*AP*GP*UP*CP*UP*CP*CP*AP*GP*GP*UP*CP*UP*CP*UP*CP*UP*CP*GP*UP*CP*GP*AP*AP*A)-3')"
3 polymer "RNA (5'-R(*UP*GP*UP*UP*CP*GP*AP*CP*GP*AP*GP*AP*GP*AP*GP*AP*CP*C)-3')"
4 water water
#
loop_
_entity_poly.entity_id
_entity_poly.type
_entity_poly.pdbx_seq_one_letter_code
_entity_poly.pdbx_strand_id
1 'polypeptide(L)'
;GEIQWMRPSKEVGYPIINAPSKTKLEPSAFHYVFEGVKEPAVLTKNDPRLKTDFEEAIFSKYVGNKITEVDEYMKEAVDH
YAGQLMSLDINTEQMCLEDAMYGTDGLEALDLSTSAGYPYVAMGKKKRDILNKQTRDTKEMQKLLDTYGINLPLVTYVKD
ELRSKTKVEQGKSRLIEASSLNDSVAMRMAFGNLYAAFHKNPGVITGSAVGCDPDLFWSKIPVLMEEKLFAFDYTGYDAS
LSPAWFEALKMVLEKIGFGDRVDYIDYLNHSHHLYKNKTYCVKGGMPSGASGTSIFNSMINNLIIRTLLLKTYKGIDLDH
LKMIAYGDDVIASYPHEVDASLLAQSGKDYGLTMTPADKSATFETVTWENVTFLKRFFRADEKYPFLIHPVMPMKEIHES
IRWTKDPRNTQDHVRSLCLLAWHNGEEEYNKFLAKIRSVPIGRALDLPEYSTLYRRWLDSFGSSSHHHHHH
;
A,E
2 'polyribonucleotide' GGGAGAUGAAAGUCUCCAGGUCUCUCUCGUCGAAA B,F
3 'polyribonucleotide' UGUUCGACGAGAGAGACC C,G
#
loop_
_chem_comp.id
_chem_comp.type
_chem_comp.name
_chem_comp.formula
A RNA linking ADENOSINE-5'-MONOPHOSPHATE 'C10 H14 N5 O7 P'
C RNA linking CYTIDINE-5'-MONOPHOSPHATE 'C9 H14 N3 O8 P'
G RNA linking GUANOSINE-5'-MONOPHOSPHATE 'C10 H14 N5 O8 P'
U RNA linking URIDINE-5'-MONOPHOSPHATE 'C9 H13 N2 O9 P'
#
# COMPACT_ATOMS: atom_id res chain seq x y z
N GLY A 1 60.43 0.93 2.90
CA GLY A 1 60.31 1.29 4.31
C GLY A 1 61.40 0.70 5.20
N GLU A 2 61.86 1.49 6.16
CA GLU A 2 62.97 1.08 7.01
C GLU A 2 62.84 1.65 8.41
N ILE A 3 63.08 0.81 9.42
CA ILE A 3 63.05 1.27 10.78
C ILE A 3 64.34 2.06 11.01
N GLN A 4 64.20 3.32 11.43
CA GLN A 4 65.35 4.18 11.58
C GLN A 4 66.01 4.02 12.93
N TRP A 5 65.21 3.69 13.93
CA TRP A 5 65.73 3.40 15.26
C TRP A 5 64.59 2.96 16.13
N MET A 6 64.89 2.23 17.20
CA MET A 6 63.88 1.77 18.14
C MET A 6 64.49 1.89 19.51
N ARG A 7 63.66 1.98 20.56
CA ARG A 7 64.13 2.13 21.95
C ARG A 7 62.96 2.15 22.94
N PRO A 8 63.23 1.73 24.18
CA PRO A 8 62.23 1.68 25.27
C PRO A 8 61.46 2.98 25.45
N SER A 9 60.14 2.94 25.26
CA SER A 9 59.33 4.15 25.37
C SER A 9 59.54 4.89 26.70
N LYS A 10 60.03 4.20 27.73
CA LYS A 10 60.36 4.87 29.00
C LYS A 10 61.59 5.78 28.86
N GLU A 11 62.54 5.37 28.02
CA GLU A 11 63.74 6.17 27.75
C GLU A 11 63.37 7.56 27.26
N VAL A 12 62.15 7.69 26.76
CA VAL A 12 61.71 8.89 26.05
C VAL A 12 60.52 9.55 26.75
N GLY A 13 59.80 8.79 27.57
CA GLY A 13 58.77 9.39 28.38
C GLY A 13 57.39 9.00 27.89
N TYR A 14 57.35 8.18 26.85
CA TYR A 14 56.10 7.65 26.34
C TYR A 14 55.64 6.48 27.22
N PRO A 15 54.32 6.41 27.44
CA PRO A 15 53.76 5.33 28.27
C PRO A 15 53.78 3.98 27.57
N ILE A 16 53.37 2.95 28.31
CA ILE A 16 53.25 1.64 27.70
C ILE A 16 51.83 1.54 27.14
N ILE A 17 51.69 0.79 26.05
CA ILE A 17 50.36 0.51 25.50
C ILE A 17 49.92 -0.90 25.91
N ASN A 18 48.70 -1.02 26.42
CA ASN A 18 48.10 -2.31 26.72
C ASN A 18 47.63 -3.01 25.45
N ALA A 19 48.50 -3.84 24.89
CA ALA A 19 48.14 -4.69 23.76
C ALA A 19 47.50 -5.96 24.30
N PRO A 20 46.39 -6.39 23.67
CA PRO A 20 45.73 -7.62 24.11
C PRO A 20 46.58 -8.83 23.76
N SER A 21 46.35 -9.93 24.47
CA SER A 21 47.33 -11.02 24.53
C SER A 21 46.84 -12.34 23.95
N LYS A 22 45.52 -12.50 23.90
CA LYS A 22 44.85 -13.72 23.39
C LYS A 22 43.75 -13.38 22.38
N THR A 23 43.51 -14.29 21.43
CA THR A 23 42.55 -14.05 20.35
C THR A 23 41.09 -14.09 20.78
N LYS A 24 40.25 -13.37 20.04
CA LYS A 24 38.81 -13.40 20.23
C LYS A 24 38.22 -14.55 19.43
N LEU A 25 39.05 -15.14 18.57
CA LEU A 25 38.62 -16.21 17.67
C LEU A 25 38.64 -17.55 18.36
N GLU A 26 37.51 -18.26 18.31
CA GLU A 26 37.41 -19.56 18.94
C GLU A 26 36.75 -20.52 17.98
N PRO A 27 37.00 -21.85 18.15
CA PRO A 27 36.33 -22.79 17.25
C PRO A 27 34.83 -22.70 17.48
N SER A 28 34.07 -22.97 16.43
CA SER A 28 32.64 -22.70 16.45
C SER A 28 31.90 -24.02 16.40
N ALA A 29 30.58 -23.98 16.60
CA ALA A 29 29.81 -25.22 16.49
C ALA A 29 30.06 -25.92 15.15
N PHE A 30 30.56 -25.21 14.15
CA PHE A 30 30.77 -25.83 12.84
C PHE A 30 32.22 -26.20 12.61
N HIS A 31 33.06 -26.14 13.64
CA HIS A 31 34.49 -26.36 13.45
C HIS A 31 34.87 -27.72 12.82
N TYR A 32 34.04 -28.75 13.04
CA TYR A 32 34.34 -30.14 12.65
C TYR A 32 33.49 -30.60 11.47
N VAL A 33 32.40 -29.89 11.23
CA VAL A 33 31.57 -30.05 10.03
C VAL A 33 32.27 -29.69 8.70
N PHE A 34 33.18 -28.72 8.70
CA PHE A 34 33.89 -28.34 7.46
C PHE A 34 35.39 -28.54 7.54
N GLU A 35 36.04 -28.56 6.38
CA GLU A 35 37.51 -28.63 6.33
C GLU A 35 38.16 -27.24 6.31
N GLY A 36 39.11 -27.03 7.21
CA GLY A 36 39.91 -25.82 7.20
C GLY A 36 41.27 -26.04 7.82
N VAL A 37 42.22 -25.19 7.45
CA VAL A 37 43.61 -25.26 7.90
C VAL A 37 44.17 -23.92 8.40
N LYS A 38 43.32 -22.91 8.52
CA LYS A 38 43.79 -21.63 9.06
C LYS A 38 43.52 -21.57 10.57
N GLU A 39 44.37 -20.84 11.29
CA GLU A 39 44.23 -20.67 12.75
C GLU A 39 44.45 -19.19 13.06
N PRO A 40 44.08 -18.73 14.27
CA PRO A 40 44.26 -17.31 14.67
C PRO A 40 45.71 -16.85 14.62
N ALA A 41 45.98 -15.65 14.10
CA ALA A 41 47.36 -15.17 13.94
C ALA A 41 48.08 -14.99 15.27
N VAL A 42 49.39 -15.27 15.30
CA VAL A 42 50.20 -15.07 16.49
C VAL A 42 50.15 -13.61 16.96
N LEU A 43 50.02 -13.46 18.27
CA LEU A 43 49.68 -12.19 18.91
C LEU A 43 50.74 -11.73 19.91
N THR A 44 51.65 -12.64 20.26
CA THR A 44 52.62 -12.40 21.33
C THR A 44 53.81 -13.36 21.22
N LYS A 45 54.95 -12.98 21.83
CA LYS A 45 56.16 -13.80 21.87
C LYS A 45 56.01 -15.19 22.55
N ASN A 46 55.27 -15.22 23.66
CA ASN A 46 55.04 -16.44 24.44
C ASN A 46 54.25 -17.52 23.69
N ASP A 47 53.68 -17.18 22.54
CA ASP A 47 52.88 -18.12 21.79
C ASP A 47 53.71 -19.35 21.47
N PRO A 48 53.22 -20.53 21.88
CA PRO A 48 53.88 -21.84 21.73
C PRO A 48 54.01 -22.32 20.29
N ARG A 49 53.27 -21.74 19.35
CA ARG A 49 53.31 -22.22 17.97
C ARG A 49 54.41 -21.55 17.16
N LEU A 50 55.07 -20.58 17.77
CA LEU A 50 56.15 -19.87 17.08
C LEU A 50 57.33 -20.79 16.74
N LYS A 51 57.85 -20.59 15.54
CA LYS A 51 59.07 -21.28 15.11
C LYS A 51 60.19 -20.27 14.82
N THR A 52 60.07 -19.06 15.39
CA THR A 52 61.14 -18.05 15.37
C THR A 52 60.82 -16.91 16.36
N ASP A 53 61.62 -15.84 16.28
CA ASP A 53 61.45 -14.71 17.21
C ASP A 53 60.39 -13.76 16.67
N PHE A 54 59.41 -13.45 17.51
CA PHE A 54 58.21 -12.72 17.11
C PHE A 54 58.44 -11.29 16.58
N GLU A 55 59.04 -10.43 17.40
CA GLU A 55 59.20 -9.02 17.06
C GLU A 55 60.15 -8.83 15.88
N GLU A 56 61.17 -9.68 15.82
CA GLU A 56 62.01 -9.79 14.64
C GLU A 56 61.10 -9.99 13.43
N ALA A 57 60.21 -10.97 13.55
CA ALA A 57 59.40 -11.36 12.42
C ALA A 57 58.41 -10.27 12.00
N ILE A 58 57.63 -9.77 12.96
CA ILE A 58 56.57 -8.81 12.63
C ILE A 58 57.13 -7.54 11.99
N PHE A 59 58.35 -7.15 12.39
CA PHE A 59 58.94 -5.91 11.88
C PHE A 59 59.77 -6.13 10.61
N SER A 60 59.94 -7.38 10.22
CA SER A 60 60.75 -7.75 9.07
C SER A 60 60.13 -7.32 7.73
N LYS A 61 58.90 -6.80 7.78
CA LYS A 61 58.22 -6.40 6.56
C LYS A 61 58.90 -5.19 5.92
N TYR A 62 59.51 -4.36 6.75
CA TYR A 62 60.24 -3.18 6.27
C TYR A 62 61.53 -3.64 5.60
N VAL A 63 61.46 -3.86 4.30
CA VAL A 63 62.58 -4.46 3.56
C VAL A 63 63.70 -3.46 3.33
N GLY A 64 63.38 -2.18 3.49
CA GLY A 64 64.31 -1.10 3.17
C GLY A 64 63.84 -0.36 1.92
N ASN A 65 64.41 0.82 1.70
CA ASN A 65 64.03 1.60 0.53
C ASN A 65 64.97 1.35 -0.65
N LYS A 66 64.46 1.51 -1.85
CA LYS A 66 65.26 1.28 -3.05
C LYS A 66 65.73 2.58 -3.66
N ILE A 67 64.85 3.57 -3.68
CA ILE A 67 65.05 4.81 -4.44
C ILE A 67 64.59 6.02 -3.66
N THR A 68 65.36 7.10 -3.78
CA THR A 68 65.02 8.33 -3.07
C THR A 68 64.54 9.41 -4.03
N GLU A 69 64.80 9.19 -5.31
CA GLU A 69 64.58 10.18 -6.35
C GLU A 69 63.52 9.69 -7.34
N VAL A 70 62.62 10.57 -7.72
CA VAL A 70 61.62 10.27 -8.72
C VAL A 70 62.19 10.23 -10.18
N ASP A 71 62.21 9.06 -10.81
CA ASP A 71 62.70 8.94 -12.19
C ASP A 71 61.81 9.67 -13.18
N GLU A 72 62.14 9.54 -14.45
CA GLU A 72 61.52 10.33 -15.51
C GLU A 72 60.22 9.68 -15.91
N TYR A 73 60.20 8.34 -15.80
CA TYR A 73 59.01 7.56 -16.08
C TYR A 73 57.91 7.86 -15.05
N MET A 74 58.31 7.86 -13.78
CA MET A 74 57.44 8.23 -12.67
C MET A 74 56.88 9.61 -12.92
N LYS A 75 57.75 10.54 -13.32
CA LYS A 75 57.32 11.91 -13.56
C LYS A 75 56.27 11.95 -14.65
N GLU A 76 56.43 11.13 -15.66
CA GLU A 76 55.43 11.09 -16.71
C GLU A 76 54.18 10.39 -16.16
N ALA A 77 54.41 9.27 -15.46
CA ALA A 77 53.39 8.50 -14.75
C ALA A 77 52.45 9.43 -13.98
N VAL A 78 53.07 10.28 -13.17
CA VAL A 78 52.39 11.35 -12.48
C VAL A 78 51.53 12.18 -13.42
N ASP A 79 52.17 12.71 -14.47
CA ASP A 79 51.52 13.63 -15.37
C ASP A 79 50.27 13.00 -15.93
N HIS A 80 50.41 11.80 -16.45
CA HIS A 80 49.24 11.11 -17.00
C HIS A 80 48.14 10.94 -15.96
N TYR A 81 48.48 10.35 -14.81
CA TYR A 81 47.46 10.04 -13.80
C TYR A 81 46.74 11.30 -13.34
N ALA A 82 47.51 12.35 -13.01
CA ALA A 82 46.94 13.63 -12.57
C ALA A 82 46.03 14.18 -13.66
N GLY A 83 46.38 13.88 -14.90
CA GLY A 83 45.59 14.24 -16.04
C GLY A 83 44.21 13.63 -15.98
N GLN A 84 44.15 12.31 -15.83
CA GLN A 84 42.88 11.61 -15.66
C GLN A 84 42.03 12.29 -14.59
N LEU A 85 42.60 12.40 -13.40
CA LEU A 85 41.88 12.86 -12.23
C LEU A 85 41.27 14.24 -12.45
N MET A 86 42.03 15.10 -13.16
CA MET A 86 41.56 16.44 -13.50
C MET A 86 40.17 16.40 -14.13
N SER A 87 39.92 15.37 -14.93
CA SER A 87 38.62 15.21 -15.58
C SER A 87 37.44 15.09 -14.61
N LEU A 88 37.69 14.75 -13.36
CA LEU A 88 36.62 14.63 -12.37
C LEU A 88 36.15 15.98 -11.80
N ASP A 89 36.91 17.06 -12.05
CA ASP A 89 36.66 18.39 -11.45
C ASP A 89 36.46 18.27 -9.95
N ILE A 90 37.53 17.86 -9.27
CA ILE A 90 37.45 17.56 -7.87
C ILE A 90 37.59 18.82 -7.02
N ASN A 91 36.56 19.11 -6.24
CA ASN A 91 36.63 20.18 -5.24
C ASN A 91 37.92 20.12 -4.39
N THR A 92 38.72 21.18 -4.46
CA THR A 92 40.04 21.21 -3.82
C THR A 92 40.03 21.99 -2.51
N GLU A 93 38.89 22.54 -2.17
CA GLU A 93 38.74 23.29 -0.93
C GLU A 93 38.95 22.43 0.31
N GLN A 94 39.43 23.06 1.38
CA GLN A 94 39.50 22.39 2.65
C GLN A 94 38.09 22.00 3.10
N MET A 95 37.96 20.87 3.75
CA MET A 95 36.66 20.47 4.23
C MET A 95 36.44 21.10 5.59
N CYS A 96 35.21 21.55 5.84
CA CYS A 96 34.88 22.16 7.11
C CYS A 96 35.02 21.14 8.27
N LEU A 97 35.49 21.61 9.41
CA LEU A 97 35.75 20.75 10.57
C LEU A 97 34.55 19.90 11.00
N GLU A 98 33.37 20.51 11.00
CA GLU A 98 32.13 19.81 11.35
C GLU A 98 31.91 18.60 10.43
N ASP A 99 32.20 18.76 9.15
CA ASP A 99 32.05 17.66 8.21
C ASP A 99 33.14 16.61 8.38
N ALA A 100 34.37 17.04 8.63
CA ALA A 100 35.47 16.09 8.80
C ALA A 100 35.30 15.26 10.08
N MET A 101 34.45 15.71 10.99
CA MET A 101 34.18 14.98 12.23
C MET A 101 32.96 14.07 12.08
N TYR A 102 31.85 14.67 11.66
CA TYR A 102 30.53 14.05 11.71
C TYR A 102 29.98 13.62 10.35
N GLY A 103 30.79 13.79 9.31
CA GLY A 103 30.43 13.28 8.00
C GLY A 103 29.65 14.25 7.14
N THR A 104 29.50 13.88 5.87
CA THR A 104 28.82 14.70 4.87
C THR A 104 28.67 13.77 3.68
N ASP A 105 28.23 14.32 2.55
CA ASP A 105 28.02 13.56 1.32
C ASP A 105 29.32 12.97 0.75
N GLY A 106 29.38 11.64 0.65
CA GLY A 106 30.55 10.95 0.11
C GLY A 106 31.60 10.60 1.16
N LEU A 107 31.36 11.01 2.41
CA LEU A 107 32.31 10.81 3.48
C LEU A 107 31.60 10.44 4.79
N GLU A 108 31.93 9.28 5.34
CA GLU A 108 31.28 8.79 6.56
C GLU A 108 31.84 9.46 7.80
N ALA A 109 31.01 9.66 8.81
CA ALA A 109 31.47 10.16 10.11
C ALA A 109 32.46 9.19 10.78
N LEU A 110 33.33 9.75 11.60
CA LEU A 110 34.31 8.96 12.33
C LEU A 110 33.61 7.93 13.20
N ASP A 111 34.30 6.80 13.40
CA ASP A 111 33.77 5.67 14.14
C ASP A 111 34.03 5.78 15.65
N LEU A 112 32.97 5.88 16.43
CA LEU A 112 33.12 6.03 17.88
C LEU A 112 33.26 4.69 18.60
N SER A 113 33.35 3.59 17.86
CA SER A 113 33.59 2.31 18.52
C SER A 113 35.06 1.95 18.40
N THR A 114 35.84 2.87 17.85
CA THR A 114 37.27 2.66 17.76
C THR A 114 38.03 3.68 18.62
N SER A 115 39.34 3.44 18.79
CA SER A 115 40.13 4.26 19.70
C SER A 115 40.42 5.64 19.14
N ALA A 116 40.75 6.57 20.02
CA ALA A 116 41.08 7.90 19.57
C ALA A 116 42.61 8.01 19.37
N GLY A 117 43.35 7.02 19.86
CA GLY A 117 44.80 6.96 19.68
C GLY A 117 45.61 7.74 20.70
N TYR A 118 46.89 7.98 20.40
CA TYR A 118 47.73 8.80 21.27
C TYR A 118 47.43 10.29 21.05
N PRO A 119 47.33 11.08 22.14
CA PRO A 119 47.58 10.71 23.54
C PRO A 119 46.37 10.17 24.32
N TYR A 120 45.17 10.35 23.78
CA TYR A 120 43.92 9.99 24.46
C TYR A 120 43.85 8.58 25.06
N VAL A 121 44.43 7.63 24.35
CA VAL A 121 44.47 6.26 24.82
C VAL A 121 45.01 6.20 26.25
N ALA A 122 46.11 6.94 26.50
CA ALA A 122 46.86 6.91 27.77
C ALA A 122 46.14 7.59 28.94
N MET A 123 45.42 8.66 28.66
CA MET A 123 44.56 9.29 29.66
C MET A 123 43.31 8.46 29.93
N GLY A 124 43.18 7.33 29.24
CA GLY A 124 41.95 6.57 29.22
C GLY A 124 40.77 7.34 28.65
N LYS A 125 41.00 8.24 27.69
CA LYS A 125 39.89 9.00 27.07
C LYS A 125 39.31 8.31 25.82
N LYS A 126 38.11 8.73 25.42
CA LYS A 126 37.43 8.04 24.33
C LYS A 126 36.81 9.00 23.33
N LYS A 127 36.65 8.52 22.11
CA LYS A 127 36.08 9.32 21.03
C LYS A 127 34.70 9.89 21.40
N ARG A 128 33.84 9.04 21.97
CA ARG A 128 32.50 9.45 22.38
C ARG A 128 32.49 10.63 23.34
N ASP A 129 33.64 10.83 23.99
CA ASP A 129 33.84 11.88 25.00
C ASP A 129 34.10 13.25 24.36
N ILE A 130 34.46 13.26 23.09
CA ILE A 130 34.76 14.49 22.39
C ILE A 130 33.74 14.74 21.25
N LEU A 131 33.26 13.67 20.64
CA LEU A 131 32.28 13.82 19.57
C LEU A 131 30.86 13.51 20.05
N ASN A 132 29.90 14.24 19.51
CA ASN A 132 28.51 13.95 19.79
C ASN A 132 27.70 14.19 18.56
N LYS A 133 27.25 13.11 17.92
CA LYS A 133 26.53 13.22 16.65
C LYS A 133 25.22 13.96 16.82
N GLN A 134 24.69 13.92 18.05
CA GLN A 134 23.44 14.59 18.32
C GLN A 134 23.63 16.08 18.08
N THR A 135 24.48 16.72 18.87
CA THR A 135 24.70 18.15 18.70
C THR A 135 25.58 18.50 17.51
N ARG A 136 26.42 17.55 17.11
CA ARG A 136 27.49 17.82 16.14
C ARG A 136 28.37 18.99 16.61
N ASP A 137 28.69 18.97 17.91
CA ASP A 137 29.52 20.01 18.54
C ASP A 137 30.98 19.85 18.15
N THR A 138 31.57 20.94 17.70
CA THR A 138 32.96 20.93 17.25
C THR A 138 33.90 21.68 18.18
N LYS A 139 33.34 22.48 19.07
CA LYS A 139 34.12 23.36 19.93
C LYS A 139 35.20 22.63 20.76
N GLU A 140 34.86 21.48 21.33
CA GLU A 140 35.84 20.76 22.16
C GLU A 140 36.99 20.17 21.36
N MET A 141 36.65 19.52 20.26
CA MET A 141 37.67 18.93 19.41
C MET A 141 38.67 20.01 18.97
N GLN A 142 38.15 21.18 18.62
CA GLN A 142 39.00 22.27 18.14
C GLN A 142 40.09 22.63 19.14
N LYS A 143 39.74 22.53 20.43
CA LYS A 143 40.66 22.86 21.49
C LYS A 143 41.74 21.80 21.55
N LEU A 144 41.35 20.56 21.34
CA LEU A 144 42.31 19.47 21.32
C LEU A 144 43.28 19.58 20.13
N LEU A 145 42.81 20.12 19.02
CA LEU A 145 43.71 20.46 17.92
C LEU A 145 44.72 21.51 18.36
N ASP A 146 44.19 22.61 18.92
CA ASP A 146 44.98 23.71 19.44
C ASP A 146 46.03 23.24 20.44
N THR A 147 45.68 22.19 21.18
CA THR A 147 46.48 21.69 22.31
C THR A 147 47.63 20.77 21.95
N TYR A 148 47.30 19.71 21.23
CA TYR A 148 48.17 18.58 21.00
C TYR A 148 48.67 18.66 19.60
N GLY A 149 48.06 19.56 18.83
CA GLY A 149 48.44 19.74 17.44
C GLY A 149 48.32 18.50 16.58
N ILE A 150 49.23 18.35 15.63
CA ILE A 150 49.19 17.19 14.75
C ILE A 150 50.54 16.49 14.59
N ASN A 151 50.59 15.58 13.62
CA ASN A 151 51.74 14.71 13.40
C ASN A 151 52.06 13.94 14.68
N LEU A 152 51.02 13.47 15.36
CA LEU A 152 51.15 12.62 16.55
C LEU A 152 51.60 11.17 16.23
N PRO A 153 52.01 10.41 17.26
CA PRO A 153 52.49 9.07 16.95
C PRO A 153 51.38 8.06 16.63
N LEU A 154 51.73 7.11 15.78
CA LEU A 154 50.85 6.01 15.46
C LEU A 154 51.04 4.97 16.55
N VAL A 155 49.93 4.45 17.08
CA VAL A 155 50.01 3.37 18.05
C VAL A 155 49.85 2.06 17.30
N THR A 156 50.85 1.18 17.43
CA THR A 156 50.95 -0.02 16.60
C THR A 156 50.41 -1.27 17.30
N TYR A 157 49.40 -1.91 16.70
CA TYR A 157 48.79 -3.13 17.24
C TYR A 157 48.92 -4.31 16.28
N VAL A 158 48.84 -5.53 16.85
CA VAL A 158 48.82 -6.76 16.03
C VAL A 158 47.42 -7.05 15.52
N LYS A 159 47.30 -7.40 14.24
CA LYS A 159 45.99 -7.70 13.65
C LYS A 159 45.49 -9.08 14.10
N ASP A 160 44.28 -9.11 14.65
CA ASP A 160 43.69 -10.35 15.16
C ASP A 160 42.85 -11.03 14.04
N GLU A 161 43.42 -12.04 13.40
CA GLU A 161 42.85 -12.59 12.17
C GLU A 161 43.26 -14.05 11.92
N LEU A 162 42.43 -14.76 11.16
CA LEU A 162 42.77 -16.09 10.67
C LEU A 162 43.91 -16.01 9.66
N ARG A 163 44.96 -16.79 9.88
CA ARG A 163 46.11 -16.79 8.99
C ARG A 163 46.63 -18.20 8.76
N SER A 164 47.33 -18.42 7.65
CA SER A 164 47.78 -19.75 7.30
C SER A 164 48.84 -20.28 8.25
N LYS A 165 48.90 -21.62 8.33
CA LYS A 165 49.83 -22.37 9.19
C LYS A 165 51.25 -21.81 9.26
N THR A 166 51.98 -21.83 8.15
CA THR A 166 53.36 -21.36 8.14
C THR A 166 53.43 -19.93 8.66
N LYS A 167 52.60 -19.05 8.12
CA LYS A 167 52.60 -17.65 8.55
C LYS A 167 52.35 -17.56 10.05
N VAL A 168 51.57 -18.50 10.58
CA VAL A 168 51.42 -18.56 12.03
C VAL A 168 52.78 -18.96 12.64
N GLU A 169 53.28 -20.14 12.30
CA GLU A 169 54.57 -20.63 12.81
C GLU A 169 55.69 -19.59 12.61
N GLN A 170 55.83 -19.10 11.38
CA GLN A 170 56.85 -18.12 11.04
C GLN A 170 56.62 -16.75 11.70
N GLY A 171 55.54 -16.64 12.47
CA GLY A 171 55.23 -15.44 13.21
C GLY A 171 54.87 -14.23 12.37
N LYS A 172 54.60 -14.41 11.07
CA LYS A 172 54.31 -13.29 10.18
C LYS A 172 52.91 -12.70 10.32
N SER A 173 52.59 -12.17 11.51
CA SER A 173 51.32 -11.52 11.78
C SER A 173 51.29 -10.12 11.14
N ARG A 174 50.12 -9.57 10.85
CA ARG A 174 50.08 -8.25 10.22
C ARG A 174 49.99 -7.13 11.24
N LEU A 175 50.41 -5.92 10.88
CA LEU A 175 50.36 -4.79 11.81
C LEU A 175 49.35 -3.71 11.44
N ILE A 176 48.95 -2.97 12.47
CA ILE A 176 47.93 -1.95 12.37
C ILE A 176 48.42 -0.68 13.01
N GLU A 177 48.44 0.43 12.27
CA GLU A 177 48.92 1.67 12.84
C GLU A 177 47.73 2.54 13.17
N ALA A 178 47.56 2.81 14.46
CA ALA A 178 46.35 3.52 14.92
C ALA A 178 46.55 5.02 14.87
N SER A 179 45.95 5.63 13.87
CA SER A 179 46.05 7.07 13.72
C SER A 179 45.49 7.85 14.92
N SER A 180 46.21 8.90 15.31
CA SER A 180 45.69 9.82 16.32
C SER A 180 44.32 10.34 15.90
N LEU A 181 43.41 10.46 16.86
CA LEU A 181 42.15 11.17 16.57
C LEU A 181 42.43 12.55 15.97
N ASN A 182 43.50 13.20 16.44
CA ASN A 182 43.91 14.51 15.93
C ASN A 182 44.32 14.44 14.46
N ASP A 183 45.01 13.37 14.07
CA ASP A 183 45.49 13.35 12.70
C ASP A 183 44.38 12.98 11.72
N SER A 184 43.49 12.06 12.10
CA SER A 184 42.36 11.71 11.23
C SER A 184 41.56 12.95 10.90
N VAL A 185 41.31 13.77 11.90
CA VAL A 185 40.52 14.97 11.67
C VAL A 185 41.28 15.96 10.75
N ALA A 186 42.55 16.20 11.00
CA ALA A 186 43.30 17.12 10.14
C ALA A 186 43.33 16.61 8.70
N MET A 187 43.46 15.29 8.57
CA MET A 187 43.50 14.67 7.24
C MET A 187 42.17 14.83 6.53
N ARG A 188 41.09 14.74 7.27
CA ARG A 188 39.78 14.73 6.64
C ARG A 188 39.47 16.14 6.21
N MET A 189 39.77 17.11 7.07
CA MET A 189 39.67 18.52 6.68
C MET A 189 40.49 18.84 5.44
N ALA A 190 41.72 18.33 5.38
CA ALA A 190 42.56 18.61 4.23
C ALA A 190 42.09 17.85 2.98
N PHE A 191 41.76 16.56 3.11
CA PHE A 191 41.51 15.74 1.90
C PHE A 191 40.09 15.22 1.74
N GLY A 192 39.18 15.56 2.65
CA GLY A 192 37.82 15.02 2.61
C GLY A 192 37.12 15.10 1.27
N ASN A 193 37.27 16.25 0.62
CA ASN A 193 36.68 16.44 -0.68
C ASN A 193 37.37 15.54 -1.70
N LEU A 194 38.62 15.18 -1.42
CA LEU A 194 39.32 14.20 -2.27
C LEU A 194 38.73 12.79 -2.07
N TYR A 195 38.69 12.36 -0.79
CA TYR A 195 38.13 11.07 -0.41
C TYR A 195 36.73 10.89 -0.98
N ALA A 196 35.85 11.87 -0.76
CA ALA A 196 34.46 11.78 -1.23
C ALA A 196 34.37 11.57 -2.73
N ALA A 197 35.22 12.26 -3.48
CA ALA A 197 35.20 12.14 -4.93
C ALA A 197 35.53 10.71 -5.36
N PHE A 198 36.51 10.09 -4.68
CA PHE A 198 36.84 8.70 -5.00
C PHE A 198 35.68 7.76 -4.61
N HIS A 199 35.19 7.89 -3.39
CA HIS A 199 34.04 7.12 -2.94
C HIS A 199 32.91 7.21 -3.98
N LYS A 200 32.68 8.41 -4.53
CA LYS A 200 31.62 8.59 -5.52
C LYS A 200 31.94 8.07 -6.93
N ASN A 201 33.20 7.88 -7.26
CA ASN A 201 33.50 7.50 -8.64
C ASN A 201 34.39 6.28 -8.82
N PRO A 202 33.96 5.12 -8.29
CA PRO A 202 34.82 3.93 -8.46
C PRO A 202 34.90 3.59 -9.93
N GLY A 203 36.05 3.18 -10.47
CA GLY A 203 36.18 2.86 -11.89
C GLY A 203 37.54 3.06 -12.55
N VAL A 204 37.55 3.44 -13.83
CA VAL A 204 38.82 3.54 -14.58
C VAL A 204 39.41 4.97 -14.73
N ILE A 205 38.68 5.98 -14.24
CA ILE A 205 39.17 7.36 -14.13
C ILE A 205 39.99 7.56 -12.86
N THR A 206 39.38 7.22 -11.74
CA THR A 206 40.02 7.28 -10.43
C THR A 206 41.08 6.18 -10.36
N GLY A 207 40.79 5.07 -11.03
CA GLY A 207 41.64 3.88 -10.92
C GLY A 207 41.51 3.26 -9.55
N SER A 208 40.37 3.47 -8.90
CA SER A 208 40.13 2.95 -7.54
C SER A 208 38.77 2.17 -7.37
N ALA A 209 38.74 1.13 -6.52
CA ALA A 209 37.54 0.29 -6.39
C ALA A 209 36.71 0.63 -5.16
N VAL A 210 37.32 1.44 -4.29
CA VAL A 210 36.69 1.91 -3.07
C VAL A 210 35.33 2.48 -3.41
N GLY A 211 34.28 1.91 -2.83
CA GLY A 211 32.93 2.34 -3.07
C GLY A 211 32.17 1.41 -3.99
N CYS A 212 32.82 0.38 -4.51
CA CYS A 212 32.07 -0.57 -5.30
C CYS A 212 31.39 -1.60 -4.43
N ASP A 213 30.25 -2.09 -4.94
CA ASP A 213 29.55 -3.24 -4.41
C ASP A 213 29.66 -4.37 -5.40
N PRO A 214 30.51 -5.35 -5.10
CA PRO A 214 30.86 -6.40 -6.06
C PRO A 214 29.66 -7.07 -6.75
N ASP A 215 28.54 -7.17 -6.05
CA ASP A 215 27.35 -7.83 -6.58
C ASP A 215 26.73 -7.12 -7.78
N LEU A 216 26.90 -5.81 -7.84
CA LEU A 216 26.41 -5.01 -8.95
C LEU A 216 27.53 -4.63 -9.91
N PHE A 217 28.69 -4.30 -9.34
CA PHE A 217 29.75 -3.74 -10.12
C PHE A 217 30.47 -4.75 -10.98
N TRP A 218 30.45 -6.02 -10.61
CA TRP A 218 31.18 -7.04 -11.37
C TRP A 218 30.77 -7.10 -12.83
N SER A 219 29.52 -6.72 -13.08
CA SER A 219 28.95 -6.83 -14.40
C SER A 219 29.37 -5.63 -15.27
N LYS A 220 29.83 -4.57 -14.60
CA LYS A 220 30.24 -3.35 -15.27
C LYS A 220 31.73 -3.37 -15.65
N ILE A 221 32.52 -4.11 -14.88
CA ILE A 221 33.96 -4.12 -15.06
C ILE A 221 34.44 -4.58 -16.48
N PRO A 222 33.93 -5.73 -16.99
CA PRO A 222 34.39 -6.19 -18.32
C PRO A 222 34.11 -5.18 -19.43
N VAL A 223 33.04 -4.41 -19.23
CA VAL A 223 32.65 -3.36 -20.14
C VAL A 223 33.69 -2.25 -20.19
N LEU A 224 34.29 -1.92 -19.05
CA LEU A 224 35.28 -0.86 -18.93
C LEU A 224 36.68 -1.30 -19.31
N MET A 225 36.86 -2.60 -19.49
CA MET A 225 38.22 -3.11 -19.65
C MET A 225 38.59 -3.19 -21.14
N GLU A 226 39.89 -3.06 -21.43
CA GLU A 226 40.38 -3.26 -22.78
C GLU A 226 40.49 -4.77 -23.04
N GLU A 227 40.94 -5.13 -24.23
CA GLU A 227 40.79 -6.50 -24.69
C GLU A 227 41.59 -7.52 -23.89
N LYS A 228 42.85 -7.21 -23.58
CA LYS A 228 43.69 -8.16 -22.89
C LYS A 228 43.96 -7.69 -21.46
N LEU A 229 44.15 -8.65 -20.54
CA LEU A 229 44.29 -8.34 -19.12
C LEU A 229 45.64 -8.79 -18.65
N PHE A 230 46.14 -8.13 -17.62
CA PHE A 230 47.34 -8.57 -16.94
C PHE A 230 47.14 -8.31 -15.46
N ALA A 231 47.90 -8.99 -14.62
CA ALA A 231 47.76 -8.85 -13.18
C ALA A 231 48.91 -9.51 -12.45
N PHE A 232 49.08 -9.14 -11.18
CA PHE A 232 50.11 -9.74 -10.35
C PHE A 232 49.84 -9.46 -8.88
N ASP A 233 50.52 -10.23 -8.03
CA ASP A 233 50.49 -9.97 -6.61
C ASP A 233 51.75 -9.19 -6.21
N TYR A 234 51.67 -8.52 -5.06
CA TYR A 234 52.81 -7.80 -4.47
C TYR A 234 53.26 -8.52 -3.21
N THR A 235 54.52 -8.40 -2.85
CA THR A 235 54.87 -8.87 -1.51
C THR A 235 54.95 -7.65 -0.61
N GLY A 236 54.27 -7.71 0.53
CA GLY A 236 54.27 -6.66 1.53
C GLY A 236 54.24 -5.27 0.96
N TYR A 237 53.37 -5.08 -0.04
CA TYR A 237 53.22 -3.80 -0.74
C TYR A 237 53.42 -2.57 0.15
N ASP A 238 52.62 -2.47 1.21
CA ASP A 238 52.68 -1.30 2.07
C ASP A 238 54.08 -1.03 2.54
N ALA A 239 54.75 -2.02 3.09
CA ALA A 239 56.05 -1.74 3.70
C ALA A 239 57.23 -1.71 2.72
N SER A 240 56.97 -1.87 1.44
CA SER A 240 58.03 -1.76 0.43
C SER A 240 58.17 -0.35 -0.15
N LEU A 241 57.07 0.40 -0.11
CA LEU A 241 57.01 1.68 -0.81
C LEU A 241 58.12 2.62 -0.39
N SER A 242 58.94 2.95 -1.38
CA SER A 242 60.09 3.83 -1.22
C SER A 242 59.66 5.29 -1.27
N PRO A 243 60.26 6.12 -0.41
CA PRO A 243 59.92 7.54 -0.25
C PRO A 243 59.80 8.31 -1.54
N ALA A 244 60.49 7.83 -2.57
CA ALA A 244 60.27 8.34 -3.92
C ALA A 244 58.78 8.39 -4.26
N TRP A 245 58.05 7.32 -3.91
CA TRP A 245 56.65 7.16 -4.34
C TRP A 245 55.73 8.16 -3.66
N PHE A 246 56.09 8.49 -2.42
CA PHE A 246 55.37 9.51 -1.69
C PHE A 246 55.56 10.86 -2.37
N GLU A 247 56.79 11.13 -2.79
CA GLU A 247 57.09 12.36 -3.50
C GLU A 247 56.26 12.44 -4.78
N ALA A 248 56.06 11.29 -5.42
CA ALA A 248 55.25 11.26 -6.63
C ALA A 248 53.79 11.60 -6.31
N LEU A 249 53.28 10.94 -5.27
CA LEU A 249 51.92 11.17 -4.81
C LEU A 249 51.66 12.64 -4.52
N LYS A 250 52.60 13.27 -3.81
CA LYS A 250 52.58 14.69 -3.54
C LYS A 250 52.50 15.51 -4.84
N MET A 251 53.22 15.06 -5.87
CA MET A 251 53.22 15.79 -7.13
C MET A 251 51.84 15.76 -7.73
N VAL A 252 51.21 14.60 -7.68
CA VAL A 252 49.85 14.44 -8.17
C VAL A 252 48.86 15.37 -7.44
N LEU A 253 49.03 15.46 -6.12
CA LEU A 253 48.17 16.30 -5.31
C LEU A 253 48.37 17.80 -5.58
N GLU A 254 49.59 18.22 -5.94
CA GLU A 254 49.81 19.61 -6.35
C GLU A 254 49.09 19.83 -7.67
N LYS A 255 49.37 18.92 -8.60
CA LYS A 255 48.92 18.99 -9.97
C LYS A 255 47.41 18.99 -10.06
N ILE A 256 46.74 18.44 -9.05
CA ILE A 256 45.27 18.47 -9.06
C ILE A 256 44.69 19.52 -8.10
N GLY A 257 45.55 20.29 -7.43
CA GLY A 257 45.11 21.46 -6.68
C GLY A 257 45.15 21.36 -5.16
N PHE A 258 45.86 20.38 -4.62
CA PHE A 258 45.92 20.21 -3.18
C PHE A 258 47.32 20.58 -2.65
N GLY A 259 47.93 21.56 -3.33
CA GLY A 259 49.33 21.88 -3.17
C GLY A 259 49.76 22.23 -1.76
N ASP A 260 48.88 22.87 -1.00
CA ASP A 260 49.29 23.27 0.34
C ASP A 260 49.30 22.10 1.30
N ARG A 261 48.50 21.08 1.02
CA ARG A 261 48.40 20.00 2.01
C ARG A 261 49.40 18.89 1.80
N VAL A 262 50.23 19.00 0.76
CA VAL A 262 51.16 17.92 0.41
C VAL A 262 52.15 17.64 1.53
N ASP A 263 52.03 18.41 2.59
CA ASP A 263 52.82 18.25 3.77
C ASP A 263 52.32 17.07 4.59
N TYR A 264 51.00 16.87 4.63
CA TYR A 264 50.42 15.78 5.40
C TYR A 264 51.00 14.42 5.00
N ILE A 265 51.23 14.24 3.70
CA ILE A 265 51.85 13.04 3.14
C ILE A 265 53.25 12.78 3.72
N ASP A 266 53.90 13.84 4.20
CA ASP A 266 55.23 13.71 4.78
C ASP A 266 55.11 12.93 6.09
N TYR A 267 54.03 13.17 6.85
CA TYR A 267 53.89 12.50 8.14
C TYR A 267 53.64 11.02 7.94
N LEU A 268 53.19 10.64 6.74
CA LEU A 268 52.91 9.24 6.47
C LEU A 268 54.19 8.53 6.05
N ASN A 269 55.10 9.29 5.46
CA ASN A 269 56.37 8.73 4.99
C ASN A 269 57.36 8.65 6.14
N HIS A 270 57.49 9.73 6.89
CA HIS A 270 58.35 9.71 8.06
C HIS A 270 57.46 9.73 9.29
N SER A 271 57.24 8.54 9.83
CA SER A 271 56.31 8.35 10.95
C SER A 271 57.03 7.87 12.19
N HIS A 272 56.45 8.14 13.35
CA HIS A 272 56.95 7.63 14.63
C HIS A 272 55.85 6.83 15.30
N HIS A 273 56.26 5.79 16.01
CA HIS A 273 55.39 4.68 16.34
C HIS A 273 55.49 4.25 17.79
N LEU A 274 54.36 3.99 18.43
CA LEU A 274 54.41 3.35 19.73
C LEU A 274 53.95 1.91 19.56
N TYR A 275 54.57 1.01 20.31
CA TYR A 275 54.24 -0.41 20.27
C TYR A 275 54.61 -1.01 21.60
N LYS A 276 53.59 -1.38 22.37
CA LYS A 276 53.75 -1.86 23.76
C LYS A 276 54.74 -0.97 24.52
N ASN A 277 55.90 -1.53 24.81
CA ASN A 277 56.91 -0.83 25.60
C ASN A 277 57.97 -0.15 24.73
N LYS A 278 57.75 -0.09 23.43
CA LYS A 278 58.77 0.48 22.55
C LYS A 278 58.30 1.67 21.72
N THR A 279 59.22 2.23 20.93
CA THR A 279 59.02 3.49 20.19
C THR A 279 59.99 3.47 19.03
N TYR A 280 59.57 3.93 17.86
CA TYR A 280 60.45 3.83 16.72
C TYR A 280 60.07 4.75 15.57
N CYS A 281 61.05 5.03 14.72
CA CYS A 281 60.83 5.86 13.55
C CYS A 281 60.95 4.99 12.32
N VAL A 282 60.13 5.30 11.31
CA VAL A 282 60.20 4.57 10.05
C VAL A 282 60.28 5.57 8.91
N LYS A 283 61.14 5.29 7.94
CA LYS A 283 61.19 6.06 6.71
C LYS A 283 60.74 5.20 5.53
N GLY A 284 59.74 5.68 4.80
CA GLY A 284 59.11 4.92 3.74
C GLY A 284 58.05 3.97 4.30
N GLY A 285 57.21 3.40 3.42
CA GLY A 285 56.15 2.48 3.82
C GLY A 285 54.85 3.13 4.27
N MET A 286 53.73 2.76 3.64
CA MET A 286 52.43 3.32 4.01
C MET A 286 51.93 2.73 5.33
N PRO A 287 51.60 3.59 6.30
CA PRO A 287 51.11 3.09 7.60
C PRO A 287 49.75 2.42 7.45
N SER A 288 49.62 1.17 7.87
CA SER A 288 48.40 0.41 7.70
C SER A 288 47.08 1.18 7.90
N GLY A 289 46.79 1.69 9.10
CA GLY A 289 45.52 2.34 9.32
C GLY A 289 45.52 3.83 9.57
N ALA A 290 46.18 4.58 8.69
CA ALA A 290 46.13 6.03 8.79
C ALA A 290 44.91 6.49 7.97
N SER A 291 44.45 7.70 8.21
CA SER A 291 43.42 8.31 7.35
C SER A 291 43.87 8.24 5.89
N GLY A 292 42.97 7.90 4.98
CA GLY A 292 43.30 7.83 3.56
C GLY A 292 44.20 6.69 3.08
N THR A 293 44.43 5.66 3.90
CA THR A 293 45.31 4.58 3.45
C THR A 293 44.77 3.83 2.26
N SER A 294 43.47 3.60 2.18
CA SER A 294 42.97 2.93 0.99
C SER A 294 43.17 3.81 -0.27
N ILE A 295 42.80 5.08 -0.19
CA ILE A 295 42.91 6.00 -1.31
C ILE A 295 44.36 6.17 -1.80
N PHE A 296 45.26 6.51 -0.86
CA PHE A 296 46.65 6.75 -1.26
C PHE A 296 47.32 5.48 -1.76
N ASN A 297 47.04 4.33 -1.15
CA ASN A 297 47.63 3.10 -1.66
C ASN A 297 47.15 2.83 -3.08
N SER A 298 45.92 3.20 -3.38
CA SER A 298 45.40 2.98 -4.71
C SER A 298 46.04 3.94 -5.71
N MET A 299 46.26 5.17 -5.26
CA MET A 299 46.82 6.19 -6.12
C MET A 299 48.27 5.83 -6.47
N ILE A 300 49.05 5.52 -5.46
CA ILE A 300 50.42 5.10 -5.72
C ILE A 300 50.43 3.86 -6.60
N ASN A 301 49.48 2.96 -6.35
CA ASN A 301 49.37 1.77 -7.18
C ASN A 301 49.10 2.18 -8.65
N ASN A 302 48.38 3.27 -8.86
CA ASN A 302 48.12 3.77 -10.21
C ASN A 302 49.38 4.33 -10.88
N LEU A 303 50.28 4.87 -10.06
CA LEU A 303 51.55 5.44 -10.55
C LEU A 303 52.57 4.36 -10.92
N ILE A 304 52.73 3.39 -10.02
CA ILE A 304 53.56 2.20 -10.26
C ILE A 304 53.31 1.49 -11.61
N ILE A 305 52.06 1.20 -11.93
CA ILE A 305 51.77 0.44 -13.13
C ILE A 305 52.06 1.29 -14.35
N ARG A 306 51.73 2.57 -14.28
CA ARG A 306 52.04 3.49 -15.38
C ARG A 306 53.58 3.60 -15.58
N THR A 307 54.31 3.80 -14.47
CA THR A 307 55.78 3.79 -14.49
C THR A 307 56.35 2.52 -15.16
N LEU A 308 56.05 1.36 -14.58
CA LEU A 308 56.56 0.08 -15.06
C LEU A 308 56.28 -0.16 -16.54
N LEU A 309 55.12 0.26 -17.02
CA LEU A 309 54.80 0.08 -18.43
C LEU A 309 55.71 0.92 -19.31
N LEU A 310 56.14 2.06 -18.78
CA LEU A 310 56.96 2.99 -19.54
C LEU A 310 58.41 2.50 -19.62
N LYS A 311 59.00 2.18 -18.47
CA LYS A 311 60.37 1.70 -18.45
C LYS A 311 60.45 0.24 -18.90
N THR A 312 59.61 -0.17 -19.84
CA THR A 312 59.55 -1.58 -20.20
C THR A 312 58.94 -1.72 -21.56
N TYR A 313 57.82 -1.04 -21.78
CA TYR A 313 57.11 -1.07 -23.05
C TYR A 313 56.98 0.32 -23.68
N LYS A 314 58.09 0.84 -24.21
CA LYS A 314 58.10 2.11 -24.95
C LYS A 314 57.04 2.19 -26.03
N GLY A 315 56.41 3.35 -26.16
CA GLY A 315 55.34 3.50 -27.13
C GLY A 315 54.06 2.84 -26.67
N ILE A 316 53.81 2.88 -25.36
CA ILE A 316 52.56 2.38 -24.84
C ILE A 316 51.69 3.61 -24.62
N ASP A 317 50.48 3.58 -25.16
CA ASP A 317 49.56 4.70 -24.98
C ASP A 317 48.80 4.50 -23.65
N LEU A 318 49.33 5.13 -22.59
CA LEU A 318 48.71 5.08 -21.29
C LEU A 318 47.24 5.48 -21.35
N ASP A 319 46.80 6.12 -22.44
CA ASP A 319 45.39 6.46 -22.61
C ASP A 319 44.52 5.23 -22.81
N HIS A 320 45.14 4.13 -23.23
CA HIS A 320 44.42 2.89 -23.47
C HIS A 320 44.80 1.86 -22.41
N LEU A 321 45.29 2.36 -21.27
CA LEU A 321 45.45 1.51 -20.10
C LEU A 321 44.17 1.62 -19.28
N LYS A 322 43.58 0.49 -18.89
CA LYS A 322 42.40 0.53 -18.01
C LYS A 322 42.53 -0.38 -16.79
N MET A 323 42.76 0.22 -15.64
CA MET A 323 42.96 -0.52 -14.40
C MET A 323 42.08 0.03 -13.28
N ILE A 324 41.86 -0.85 -12.32
CA ILE A 324 41.17 -0.57 -11.06
C ILE A 324 42.00 -1.20 -9.92
N ALA A 325 42.28 -0.40 -8.88
CA ALA A 325 43.05 -0.89 -7.74
C ALA A 325 42.22 -0.75 -6.50
N TYR A 326 42.40 -1.70 -5.59
CA TYR A 326 41.97 -1.52 -4.20
C TYR A 326 43.24 -1.68 -3.41
N GLY A 327 43.86 -0.56 -3.00
CA GLY A 327 45.17 -0.64 -2.38
C GLY A 327 46.17 -1.37 -3.29
N ASP A 328 46.69 -2.52 -2.85
CA ASP A 328 47.65 -3.28 -3.67
C ASP A 328 46.97 -4.17 -4.70
N ASP A 329 45.78 -4.64 -4.39
CA ASP A 329 45.03 -5.43 -5.35
C ASP A 329 44.75 -4.64 -6.62
N VAL A 330 44.80 -5.33 -7.76
CA VAL A 330 44.55 -4.67 -9.03
C VAL A 330 44.16 -5.63 -10.16
N ILE A 331 43.22 -5.18 -10.96
CA ILE A 331 42.90 -5.81 -12.23
C ILE A 331 43.17 -4.76 -13.37
N ALA A 332 43.90 -5.16 -14.41
CA ALA A 332 44.33 -4.23 -15.44
C ALA A 332 44.18 -4.80 -16.83
N SER A 333 43.69 -3.95 -17.72
CA SER A 333 43.52 -4.30 -19.12
C SER A 333 44.41 -3.46 -20.03
N TYR A 334 44.65 -4.00 -21.23
CA TYR A 334 45.30 -3.27 -22.32
C TYR A 334 44.86 -3.89 -23.65
N PRO A 335 44.96 -3.12 -24.76
CA PRO A 335 44.60 -3.68 -26.07
C PRO A 335 45.52 -4.80 -26.55
N HIS A 336 46.81 -4.74 -26.20
CA HIS A 336 47.71 -5.85 -26.55
C HIS A 336 48.18 -6.59 -25.29
N GLU A 337 48.46 -7.88 -25.41
CA GLU A 337 48.94 -8.64 -24.28
C GLU A 337 50.19 -7.98 -23.69
N VAL A 338 50.34 -8.04 -22.37
CA VAL A 338 51.55 -7.53 -21.73
C VAL A 338 52.11 -8.60 -20.76
N ASP A 339 53.41 -8.54 -20.50
CA ASP A 339 54.17 -9.61 -19.87
C ASP A 339 54.49 -9.28 -18.40
N ALA A 340 53.68 -9.84 -17.50
CA ALA A 340 53.85 -9.55 -16.07
C ALA A 340 55.24 -9.96 -15.61
N SER A 341 55.77 -11.01 -16.24
CA SER A 341 57.12 -11.45 -15.96
C SER A 341 58.09 -10.32 -16.24
N LEU A 342 57.75 -9.50 -17.24
CA LEU A 342 58.64 -8.43 -17.69
C LEU A 342 58.55 -7.19 -16.81
N LEU A 343 57.33 -6.82 -16.43
CA LEU A 343 57.11 -5.70 -15.50
C LEU A 343 57.65 -6.04 -14.11
N ALA A 344 57.58 -7.31 -13.76
CA ALA A 344 58.10 -7.80 -12.49
C ALA A 344 59.59 -7.49 -12.34
N GLN A 345 60.33 -7.67 -13.43
CA GLN A 345 61.76 -7.42 -13.40
C GLN A 345 62.05 -5.93 -13.18
N SER A 346 61.33 -5.07 -13.90
CA SER A 346 61.46 -3.63 -13.74
C SER A 346 61.21 -3.24 -12.29
N GLY A 347 60.07 -3.66 -11.76
CA GLY A 347 59.70 -3.39 -10.39
C GLY A 347 60.81 -3.54 -9.36
N LYS A 348 61.67 -4.54 -9.58
CA LYS A 348 62.76 -4.84 -8.66
C LYS A 348 63.59 -3.61 -8.36
N ASP A 349 63.83 -2.80 -9.40
CA ASP A 349 64.61 -1.58 -9.30
C ASP A 349 63.83 -0.47 -8.59
N TYR A 350 62.67 -0.79 -8.04
CA TYR A 350 61.86 0.21 -7.38
C TYR A 350 61.52 -0.22 -5.95
N GLY A 351 62.04 -1.36 -5.53
CA GLY A 351 61.77 -1.85 -4.18
C GLY A 351 60.49 -2.66 -4.15
N LEU A 352 59.86 -2.77 -5.32
CA LEU A 352 58.64 -3.55 -5.49
C LEU A 352 58.93 -5.00 -5.82
N THR A 353 58.42 -5.90 -4.99
CA THR A 353 58.61 -7.33 -5.18
C THR A 353 57.31 -7.92 -5.71
N MET A 354 57.29 -8.26 -6.99
CA MET A 354 56.04 -8.60 -7.67
C MET A 354 55.94 -10.07 -8.12
N THR A 355 55.02 -10.81 -7.51
CA THR A 355 54.84 -12.24 -7.78
C THR A 355 53.67 -12.50 -8.73
N PRO A 356 53.56 -13.75 -9.25
CA PRO A 356 52.40 -14.12 -10.07
C PRO A 356 51.06 -14.12 -9.33
N ALA A 357 50.02 -13.65 -10.04
CA ALA A 357 48.66 -13.55 -9.54
C ALA A 357 48.10 -14.92 -9.10
N ASP A 358 47.12 -14.89 -8.18
CA ASP A 358 46.51 -16.12 -7.70
C ASP A 358 47.59 -17.09 -7.18
N LYS A 359 48.58 -16.53 -6.48
CA LYS A 359 49.67 -17.29 -5.84
C LYS A 359 50.32 -18.32 -6.77
N SER A 360 50.02 -18.23 -8.07
CA SER A 360 50.49 -19.19 -9.06
C SER A 360 52.01 -19.39 -8.98
N ALA A 361 52.46 -20.52 -9.52
CA ALA A 361 53.86 -20.91 -9.41
C ALA A 361 54.77 -20.08 -10.33
N THR A 362 54.42 -20.07 -11.61
CA THR A 362 55.13 -19.28 -12.60
C THR A 362 54.16 -18.33 -13.31
N PHE A 363 54.69 -17.27 -13.90
CA PHE A 363 53.84 -16.30 -14.58
C PHE A 363 53.00 -16.91 -15.67
N GLU A 364 51.76 -16.43 -15.79
CA GLU A 364 50.80 -16.98 -16.75
C GLU A 364 49.90 -15.91 -17.36
N THR A 365 49.13 -16.30 -18.38
CA THR A 365 48.30 -15.33 -19.09
C THR A 365 46.98 -15.15 -18.36
N VAL A 366 46.58 -13.91 -18.12
CA VAL A 366 45.32 -13.64 -17.43
C VAL A 366 44.14 -13.59 -18.39
N THR A 367 43.13 -14.39 -18.07
CA THR A 367 41.89 -14.44 -18.81
C THR A 367 40.73 -14.17 -17.86
N TRP A 368 39.54 -13.96 -18.41
CA TRP A 368 38.32 -13.78 -17.60
C TRP A 368 37.90 -15.05 -16.82
N GLU A 369 38.59 -16.15 -17.09
CA GLU A 369 38.33 -17.41 -16.41
C GLU A 369 39.16 -17.56 -15.14
N ASN A 370 40.31 -16.92 -15.11
CA ASN A 370 41.23 -17.12 -14.02
C ASN A 370 41.61 -15.83 -13.27
N VAL A 371 41.06 -14.71 -13.69
CA VAL A 371 41.33 -13.44 -13.02
C VAL A 371 40.54 -13.31 -11.68
N THR A 372 41.19 -12.74 -10.66
CA THR A 372 40.52 -12.51 -9.37
C THR A 372 40.60 -11.07 -8.98
N PHE A 373 39.60 -10.58 -8.27
CA PHE A 373 39.67 -9.23 -7.71
C PHE A 373 38.84 -9.17 -6.43
N LEU A 374 39.45 -8.63 -5.36
CA LEU A 374 38.87 -8.69 -4.00
C LEU A 374 38.52 -10.16 -3.67
N LYS A 375 39.37 -11.06 -4.18
CA LYS A 375 39.32 -12.48 -3.92
C LYS A 375 38.16 -13.19 -4.62
N ARG A 376 37.48 -12.46 -5.51
CA ARG A 376 36.39 -13.05 -6.31
C ARG A 376 36.80 -13.40 -7.73
N PHE A 377 36.16 -14.43 -8.28
CA PHE A 377 36.34 -14.76 -9.68
C PHE A 377 35.24 -14.07 -10.47
N PHE A 378 35.25 -14.28 -11.78
CA PHE A 378 34.21 -13.75 -12.68
C PHE A 378 33.54 -14.92 -13.38
N ARG A 379 32.23 -15.09 -13.20
CA ARG A 379 31.49 -16.12 -13.95
C ARG A 379 30.19 -15.52 -14.44
N ALA A 380 30.04 -15.54 -15.76
CA ALA A 380 28.83 -15.06 -16.41
C ALA A 380 27.65 -15.92 -15.97
N ASP A 381 26.51 -15.29 -15.74
CA ASP A 381 25.35 -16.06 -15.45
C ASP A 381 24.98 -16.94 -16.67
N GLU A 382 24.50 -18.15 -16.41
CA GLU A 382 24.17 -19.12 -17.46
C GLU A 382 22.91 -18.73 -18.24
N LYS A 383 22.14 -17.84 -17.67
CA LYS A 383 20.91 -17.42 -18.31
C LYS A 383 21.03 -15.98 -18.79
N TYR A 384 21.85 -15.18 -18.12
CA TYR A 384 22.00 -13.78 -18.53
C TYR A 384 23.47 -13.41 -18.60
N PRO A 385 24.12 -13.80 -19.72
CA PRO A 385 25.58 -13.77 -19.90
C PRO A 385 26.21 -12.39 -19.82
N PHE A 386 25.41 -11.34 -19.73
CA PHE A 386 25.93 -9.99 -19.53
C PHE A 386 25.94 -9.65 -18.06
N LEU A 387 25.39 -10.56 -17.24
CA LEU A 387 25.51 -10.43 -15.78
C LEU A 387 26.58 -11.36 -15.24
N ILE A 388 27.48 -10.76 -14.46
CA ILE A 388 28.62 -11.50 -13.98
C ILE A 388 28.57 -11.71 -12.49
N HIS A 389 28.61 -12.98 -12.11
CA HIS A 389 28.75 -13.36 -10.71
C HIS A 389 30.17 -13.06 -10.15
N PRO A 390 30.23 -12.29 -9.05
CA PRO A 390 31.45 -12.27 -8.23
C PRO A 390 31.52 -13.59 -7.48
N VAL A 391 32.55 -14.40 -7.69
CA VAL A 391 32.53 -15.73 -7.12
C VAL A 391 33.62 -15.93 -6.10
N MET A 392 33.21 -15.91 -4.84
CA MET A 392 34.06 -16.30 -3.73
C MET A 392 34.13 -17.81 -3.68
N PRO A 393 35.32 -18.38 -3.78
CA PRO A 393 35.42 -19.83 -3.67
C PRO A 393 34.92 -20.37 -2.31
N MET A 394 34.27 -21.53 -2.30
CA MET A 394 33.81 -22.10 -1.03
C MET A 394 34.90 -22.27 0.01
N LYS A 395 36.11 -22.53 -0.47
CA LYS A 395 37.24 -22.77 0.42
C LYS A 395 37.39 -21.65 1.46
N GLU A 396 37.37 -20.40 1.01
CA GLU A 396 37.55 -19.30 1.93
C GLU A 396 36.34 -19.15 2.88
N ILE A 397 35.17 -19.49 2.35
CA ILE A 397 33.93 -19.48 3.12
C ILE A 397 33.91 -20.58 4.19
N HIS A 398 34.38 -21.77 3.83
CA HIS A 398 34.62 -22.82 4.82
C HIS A 398 35.55 -22.34 5.94
N GLU A 399 36.68 -21.72 5.59
CA GLU A 399 37.60 -21.25 6.64
C GLU A 399 36.85 -20.33 7.59
N SER A 400 36.11 -19.37 7.05
CA SER A 400 35.47 -18.39 7.90
C SER A 400 34.50 -19.01 8.88
N ILE A 401 33.74 -20.01 8.42
CA ILE A 401 32.63 -20.51 9.22
C ILE A 401 33.11 -21.32 10.42
N ARG A 402 34.35 -21.82 10.38
CA ARG A 402 34.86 -22.73 11.41
C ARG A 402 35.32 -22.02 12.68
N TRP A 403 35.12 -20.70 12.75
CA TRP A 403 35.46 -19.92 13.94
C TRP A 403 34.41 -18.87 14.30
N THR A 404 34.63 -18.16 15.40
CA THR A 404 33.70 -17.12 15.81
C THR A 404 34.34 -16.21 16.89
N LYS A 405 33.96 -14.94 16.90
CA LYS A 405 34.40 -13.98 17.92
C LYS A 405 33.31 -13.79 18.92
N ASP A 406 32.17 -14.45 18.69
CA ASP A 406 31.04 -14.53 19.63
C ASP A 406 29.89 -15.31 19.03
N PRO A 407 29.63 -16.51 19.58
CA PRO A 407 28.54 -17.40 19.20
C PRO A 407 27.17 -16.74 19.23
N ARG A 408 27.05 -15.62 19.95
CA ARG A 408 25.80 -14.90 20.00
C ARG A 408 25.39 -14.42 18.62
N ASN A 409 26.36 -14.25 17.73
CA ASN A 409 26.11 -13.71 16.41
C ASN A 409 26.15 -14.77 15.32
N THR A 410 25.96 -16.02 15.70
CA THR A 410 26.16 -17.13 14.79
C THR A 410 25.23 -17.03 13.58
N GLN A 411 24.02 -16.50 13.82
CA GLN A 411 23.05 -16.38 12.77
C GLN A 411 23.50 -15.32 11.72
N ASP A 412 23.80 -14.10 12.17
CA ASP A 412 24.28 -13.07 11.25
C ASP A 412 25.53 -13.55 10.48
N HIS A 413 26.49 -14.13 11.19
CA HIS A 413 27.73 -14.61 10.59
C HIS A 413 27.40 -15.55 9.46
N VAL A 414 26.65 -16.63 9.75
CA VAL A 414 26.34 -17.63 8.71
C VAL A 414 25.47 -17.06 7.61
N ARG A 415 24.50 -16.23 7.98
CA ARG A 415 23.66 -15.60 6.97
C ARG A 415 24.47 -14.82 5.94
N SER A 416 25.43 -14.07 6.43
CA SER A 416 26.33 -13.25 5.62
C SER A 416 27.21 -14.11 4.68
N LEU A 417 27.62 -15.30 5.11
CA LEU A 417 28.38 -16.21 4.25
C LEU A 417 27.53 -16.74 3.10
N CYS A 418 26.24 -16.93 3.33
CA CYS A 418 25.42 -17.46 2.25
C CYS A 418 25.39 -16.46 1.12
N LEU A 419 25.25 -15.20 1.46
CA LEU A 419 25.28 -14.14 0.45
C LEU A 419 26.54 -14.18 -0.42
N LEU A 420 27.69 -14.50 0.16
CA LEU A 420 28.86 -14.76 -0.67
C LEU A 420 28.73 -16.07 -1.47
N ALA A 421 28.19 -17.12 -0.84
CA ALA A 421 28.43 -18.47 -1.32
C ALA A 421 27.56 -18.83 -2.51
N TRP A 422 26.31 -18.37 -2.46
CA TRP A 422 25.36 -18.71 -3.53
C TRP A 422 25.87 -18.41 -4.97
N HIS A 423 26.73 -17.42 -5.15
CA HIS A 423 27.31 -17.21 -6.48
C HIS A 423 28.15 -18.39 -6.98
N ASN A 424 28.36 -19.41 -6.16
CA ASN A 424 29.03 -20.57 -6.73
C ASN A 424 28.02 -21.41 -7.52
N GLY A 425 26.75 -21.03 -7.44
CA GLY A 425 25.69 -21.72 -8.17
C GLY A 425 24.92 -22.77 -7.39
N GLU A 426 23.61 -22.86 -7.66
CA GLU A 426 22.67 -23.73 -6.92
C GLU A 426 23.19 -25.07 -6.34
N GLU A 427 23.96 -25.82 -7.11
CA GLU A 427 24.43 -27.11 -6.63
C GLU A 427 25.27 -26.96 -5.37
N GLU A 428 26.44 -26.30 -5.48
CA GLU A 428 27.33 -26.07 -4.33
C GLU A 428 26.61 -25.33 -3.21
N TYR A 429 25.73 -24.40 -3.55
CA TYR A 429 24.98 -23.70 -2.51
C TYR A 429 24.09 -24.63 -1.69
N ASN A 430 23.19 -25.38 -2.33
CA ASN A 430 22.35 -26.30 -1.56
C ASN A 430 23.19 -27.35 -0.73
N LYS A 431 24.41 -27.65 -1.20
CA LYS A 431 25.27 -28.62 -0.52
C LYS A 431 25.89 -27.96 0.71
N PHE A 432 25.96 -26.64 0.63
CA PHE A 432 26.45 -25.85 1.71
C PHE A 432 25.35 -25.71 2.77
N LEU A 433 24.13 -25.40 2.34
CA LEU A 433 23.02 -25.35 3.29
C LEU A 433 22.83 -26.75 3.92
N ALA A 434 23.21 -27.82 3.21
CA ALA A 434 23.01 -29.15 3.75
C ALA A 434 23.96 -29.34 4.91
N LYS A 435 25.24 -29.07 4.67
CA LYS A 435 26.24 -29.25 5.70
C LYS A 435 25.93 -28.40 6.95
N ILE A 436 25.43 -27.18 6.76
CA ILE A 436 25.07 -26.36 7.90
C ILE A 436 24.02 -27.06 8.74
N ARG A 437 23.11 -27.72 8.05
CA ARG A 437 21.93 -28.27 8.66
C ARG A 437 22.20 -29.68 9.16
N SER A 438 23.42 -30.16 8.92
CA SER A 438 23.74 -31.51 9.36
C SER A 438 24.06 -31.55 10.85
N VAL A 439 24.02 -30.39 11.51
CA VAL A 439 24.02 -30.31 12.98
C VAL A 439 22.84 -29.52 13.53
N PRO A 440 22.42 -29.83 14.77
CA PRO A 440 21.26 -29.15 15.35
C PRO A 440 21.30 -27.62 15.31
N ILE A 441 22.45 -27.01 15.61
CA ILE A 441 22.49 -25.55 15.62
C ILE A 441 22.17 -25.03 14.20
N GLY A 442 22.81 -25.63 13.18
CA GLY A 442 22.40 -25.40 11.81
C GLY A 442 20.90 -25.24 11.62
N ARG A 443 20.11 -26.20 12.10
CA ARG A 443 18.68 -26.21 11.85
C ARG A 443 17.93 -25.18 12.70
N ALA A 444 18.65 -24.45 13.53
CA ALA A 444 17.98 -23.41 14.30
C ALA A 444 18.08 -22.07 13.58
N LEU A 445 18.75 -22.05 12.43
CA LEU A 445 18.95 -20.79 11.73
C LEU A 445 17.90 -20.50 10.66
N ASP A 446 17.57 -19.22 10.51
CA ASP A 446 16.74 -18.77 9.39
C ASP A 446 17.63 -18.42 8.21
N LEU A 447 17.65 -19.30 7.21
CA LEU A 447 18.53 -19.09 6.05
C LEU A 447 17.72 -18.96 4.77
N PRO A 448 18.29 -18.22 3.77
CA PRO A 448 17.58 -17.98 2.51
C PRO A 448 17.88 -19.06 1.47
N GLU A 449 16.95 -19.34 0.58
CA GLU A 449 17.19 -20.32 -0.49
C GLU A 449 17.83 -19.65 -1.74
N TYR A 450 18.52 -20.45 -2.57
CA TYR A 450 19.07 -19.96 -3.84
C TYR A 450 18.04 -19.18 -4.64
N SER A 451 16.90 -19.79 -4.86
CA SER A 451 15.81 -19.15 -5.61
C SER A 451 15.53 -17.72 -5.11
N THR A 452 15.68 -17.49 -3.82
CA THR A 452 15.41 -16.19 -3.24
C THR A 452 16.49 -15.19 -3.58
N LEU A 453 17.74 -15.64 -3.45
CA LEU A 453 18.89 -14.78 -3.66
C LEU A 453 19.03 -14.44 -5.15
N TYR A 454 18.95 -15.46 -5.99
CA TYR A 454 18.97 -15.29 -7.45
C TYR A 454 17.88 -14.32 -7.89
N ARG A 455 16.72 -14.34 -7.23
CA ARG A 455 15.64 -13.41 -7.55
C ARG A 455 16.02 -12.00 -7.15
N ARG A 456 16.51 -11.85 -5.91
CA ARG A 456 16.84 -10.53 -5.37
C ARG A 456 17.99 -9.86 -6.11
N TRP A 457 18.95 -10.67 -6.54
CA TRP A 457 20.09 -10.22 -7.31
C TRP A 457 19.63 -9.64 -8.65
N LEU A 458 18.87 -10.45 -9.38
CA LEU A 458 18.36 -10.05 -10.66
C LEU A 458 17.57 -8.76 -10.55
N ASP A 459 16.86 -8.61 -9.44
CA ASP A 459 16.04 -7.41 -9.24
C ASP A 459 16.85 -6.16 -8.91
N SER A 460 18.14 -6.30 -8.64
CA SER A 460 18.87 -5.14 -8.12
C SER A 460 19.49 -4.33 -9.27
N PHE A 461 19.54 -4.97 -10.42
CA PHE A 461 19.62 -4.26 -11.70
C PHE A 461 18.21 -3.73 -12.06
N GLY A 462 17.79 -2.58 -11.50
CA GLY A 462 16.43 -2.08 -11.74
C GLY A 462 16.11 -0.78 -11.02
N GLY D 1 -60.22 0.71 -6.32
CA GLY D 1 -60.21 -0.64 -5.78
C GLY D 1 -61.41 -0.94 -4.88
N GLU D 2 -61.95 -2.15 -4.99
CA GLU D 2 -63.18 -2.51 -4.28
C GLU D 2 -63.20 -3.98 -3.85
N ILE D 3 -63.57 -4.24 -2.60
CA ILE D 3 -63.67 -5.61 -2.12
C ILE D 3 -64.92 -6.19 -2.72
N GLN D 4 -64.79 -7.30 -3.42
CA GLN D 4 -65.94 -7.85 -4.14
C GLN D 4 -66.78 -8.76 -3.28
N TRP D 5 -66.13 -9.39 -2.31
CA TRP D 5 -66.82 -10.24 -1.35
C TRP D 5 -65.82 -10.69 -0.34
N MET D 6 -66.30 -11.10 0.83
CA MET D 6 -65.42 -11.60 1.87
C MET D 6 -66.18 -12.74 2.52
N ARG D 7 -65.46 -13.67 3.17
CA ARG D 7 -66.08 -14.83 3.79
C ARG D 7 -65.06 -15.70 4.51
N PRO D 8 -65.51 -16.44 5.53
CA PRO D 8 -64.66 -17.34 6.31
C PRO D 8 -63.81 -18.30 5.47
N SER D 9 -62.51 -18.18 5.58
CA SER D 9 -61.60 -19.05 4.84
C SER D 9 -61.90 -20.55 5.07
N LYS D 10 -62.57 -20.89 6.17
CA LYS D 10 -62.98 -22.29 6.37
C LYS D 10 -64.12 -22.66 5.40
N GLU D 11 -65.01 -21.71 5.11
CA GLU D 11 -66.13 -21.93 4.16
C GLU D 11 -65.65 -22.39 2.79
N VAL D 12 -64.38 -22.12 2.51
CA VAL D 12 -63.81 -22.27 1.16
C VAL D 12 -62.68 -23.29 1.18
N GLY D 13 -62.10 -23.52 2.35
CA GLY D 13 -61.10 -24.57 2.48
C GLY D 13 -59.70 -24.03 2.69
N TYR D 14 -59.58 -22.71 2.73
CA TYR D 14 -58.30 -22.10 3.03
C TYR D 14 -58.06 -22.15 4.54
N PRO D 15 -56.80 -22.40 4.93
CA PRO D 15 -56.42 -22.45 6.34
C PRO D 15 -56.41 -21.07 6.96
N ILE D 16 -56.15 -21.02 8.27
CA ILE D 16 -56.01 -19.75 8.94
C ILE D 16 -54.55 -19.33 8.87
N ILE D 17 -54.33 -18.02 8.81
CA ILE D 17 -52.98 -17.49 8.87
C ILE D 17 -52.69 -17.00 10.28
N ASN D 18 -51.53 -17.41 10.82
CA ASN D 18 -51.04 -16.91 12.10
C ASN D 18 -50.45 -15.49 11.94
N ALA D 19 -51.29 -14.49 12.17
CA ALA D 19 -50.86 -13.10 12.22
C ALA D 19 -50.35 -12.80 13.63
N PRO D 20 -49.21 -12.09 13.73
CA PRO D 20 -48.67 -11.76 15.05
C PRO D 20 -49.56 -10.70 15.70
N SER D 21 -49.50 -10.59 17.03
CA SER D 21 -50.56 -9.91 17.79
C SER D 21 -50.11 -8.66 18.54
N LYS D 22 -48.80 -8.58 18.81
CA LYS D 22 -48.16 -7.48 19.54
C LYS D 22 -46.92 -6.96 18.77
N THR D 23 -46.60 -5.68 18.96
CA THR D 23 -45.50 -5.03 18.22
C THR D 23 -44.10 -5.43 18.65
N LYS D 24 -43.16 -5.36 17.73
CA LYS D 24 -41.76 -5.57 18.08
C LYS D 24 -41.17 -4.26 18.59
N LEU D 25 -41.92 -3.18 18.44
CA LEU D 25 -41.43 -1.85 18.79
C LEU D 25 -41.62 -1.59 20.26
N GLU D 26 -40.54 -1.21 20.94
CA GLU D 26 -40.56 -0.93 22.37
C GLU D 26 -39.84 0.37 22.61
N PRO D 27 -40.15 1.04 23.74
CA PRO D 27 -39.41 2.27 24.04
C PRO D 27 -37.93 1.96 24.24
N SER D 28 -37.09 2.94 23.96
CA SER D 28 -35.65 2.70 23.93
C SER D 28 -35.02 3.48 25.03
N ALA D 29 -33.75 3.22 25.29
CA ALA D 29 -33.03 4.02 26.27
C ALA D 29 -33.14 5.52 25.98
N PHE D 30 -33.51 5.93 24.77
CA PHE D 30 -33.57 7.37 24.46
C PHE D 30 -34.99 7.92 24.42
N HIS D 31 -35.95 7.14 24.92
CA HIS D 31 -37.37 7.52 24.80
C HIS D 31 -37.71 8.88 25.46
N TYR D 32 -36.98 9.23 26.52
CA TYR D 32 -37.31 10.39 27.35
C TYR D 32 -36.35 11.54 27.12
N VAL D 33 -35.19 11.23 26.55
CA VAL D 33 -34.25 12.24 26.07
C VAL D 33 -34.82 13.10 24.90
N PHE D 34 -35.68 12.54 24.05
CA PHE D 34 -36.24 13.32 22.91
C PHE D 34 -37.75 13.44 22.91
N GLU D 35 -38.27 14.42 22.18
CA GLU D 35 -39.72 14.58 22.05
C GLU D 35 -40.30 13.80 20.86
N GLY D 36 -41.35 13.02 21.13
CA GLY D 36 -42.06 12.33 20.08
C GLY D 36 -43.52 12.06 20.41
N VAL D 37 -44.33 11.89 19.36
CA VAL D 37 -45.76 11.67 19.50
C VAL D 37 -46.28 10.47 18.69
N LYS D 38 -45.38 9.72 18.04
CA LYS D 38 -45.81 8.55 17.30
C LYS D 38 -45.74 7.31 18.19
N GLU D 39 -46.63 6.34 17.93
CA GLU D 39 -46.68 5.09 18.68
C GLU D 39 -46.83 3.93 17.70
N PRO D 40 -46.56 2.69 18.13
CA PRO D 40 -46.67 1.54 17.23
C PRO D 40 -48.09 1.39 16.66
N ALA D 41 -48.21 1.12 15.36
CA ALA D 41 -49.52 1.06 14.72
C ALA D 41 -50.35 -0.09 15.28
N VAL D 42 -51.65 0.13 15.40
CA VAL D 42 -52.57 -0.89 15.90
C VAL D 42 -52.50 -2.16 15.05
N LEU D 43 -52.50 -3.29 15.74
CA LEU D 43 -52.15 -4.57 15.17
C LEU D 43 -53.28 -5.60 15.26
N THR D 44 -54.31 -5.28 16.04
CA THR D 44 -55.39 -6.22 16.33
C THR D 44 -56.64 -5.50 16.86
N LYS D 45 -57.80 -6.14 16.78
CA LYS D 45 -59.07 -5.61 17.31
C LYS D 45 -59.08 -5.33 18.84
N ASN D 46 -58.46 -6.21 19.61
CA ASN D 46 -58.42 -6.10 21.09
C ASN D 46 -57.68 -4.87 21.62
N ASP D 47 -56.98 -4.17 20.74
CA ASP D 47 -56.18 -3.02 21.12
C ASP D 47 -57.02 -1.94 21.81
N PRO D 48 -56.60 -1.55 23.03
CA PRO D 48 -57.27 -0.59 23.89
C PRO D 48 -57.31 0.83 23.36
N ARG D 49 -56.43 1.18 22.44
CA ARG D 49 -56.37 2.56 21.99
C ARG D 49 -57.34 2.84 20.86
N LEU D 50 -57.98 1.79 20.37
CA LEU D 50 -58.91 1.94 19.27
C LEU D 50 -60.10 2.80 19.65
N LYS D 51 -60.48 3.69 18.74
CA LYS D 51 -61.66 4.52 18.89
C LYS D 51 -62.67 4.22 17.77
N THR D 52 -62.55 3.03 17.17
CA THR D 52 -63.55 2.48 16.22
C THR D 52 -63.28 0.99 15.91
N ASP D 53 -63.99 0.45 14.92
CA ASP D 53 -63.88 -0.97 14.60
C ASP D 53 -62.70 -1.23 13.67
N PHE D 54 -61.83 -2.15 14.09
CA PHE D 54 -60.53 -2.36 13.44
C PHE D 54 -60.60 -2.79 11.96
N GLU D 55 -61.24 -3.93 11.71
CA GLU D 55 -61.24 -4.52 10.37
C GLU D 55 -62.00 -3.65 9.37
N GLU D 56 -63.08 -3.04 9.86
CA GLU D 56 -63.80 -2.01 9.12
C GLU D 56 -62.80 -0.98 8.62
N ALA D 57 -61.98 -0.50 9.54
CA ALA D 57 -61.07 0.61 9.26
C ALA D 57 -60.00 0.24 8.27
N ILE D 58 -59.29 -0.85 8.55
CA ILE D 58 -58.13 -1.25 7.74
C ILE D 58 -58.52 -1.48 6.29
N PHE D 59 -59.73 -1.98 6.06
CA PHE D 59 -60.19 -2.30 4.72
C PHE D 59 -60.89 -1.13 4.04
N SER D 60 -61.10 -0.05 4.79
CA SER D 60 -61.82 1.12 4.28
C SER D 60 -61.03 1.87 3.23
N LYS D 61 -59.78 1.47 3.03
CA LYS D 61 -58.90 2.15 2.10
C LYS D 61 -59.40 1.97 0.67
N TYR D 62 -60.04 0.84 0.41
CA TYR D 62 -60.60 0.55 -0.91
C TYR D 62 -61.82 1.43 -1.12
N VAL D 63 -61.59 2.60 -1.74
CA VAL D 63 -62.63 3.62 -1.83
C VAL D 63 -63.70 3.22 -2.84
N GLY D 64 -63.33 2.30 -3.74
CA GLY D 64 -64.16 1.91 -4.86
C GLY D 64 -63.55 2.45 -6.14
N ASN D 65 -64.00 1.95 -7.29
CA ASN D 65 -63.44 2.41 -8.56
C ASN D 65 -64.26 3.54 -9.17
N LYS D 66 -63.61 4.37 -9.96
CA LYS D 66 -64.28 5.50 -10.61
C LYS D 66 -64.57 5.20 -12.08
N ILE D 67 -63.61 4.57 -12.75
CA ILE D 67 -63.64 4.41 -14.21
C ILE D 67 -63.17 3.03 -14.66
N THR D 68 -63.86 2.51 -15.67
CA THR D 68 -63.54 1.20 -16.22
C THR D 68 -62.82 1.34 -17.54
N GLU D 69 -62.91 2.54 -18.11
CA GLU D 69 -62.49 2.75 -19.49
C GLU D 69 -61.31 3.69 -19.64
N VAL D 70 -60.38 3.29 -20.49
CA VAL D 70 -59.26 4.13 -20.83
C VAL D 70 -59.70 5.24 -21.78
N ASP D 71 -59.91 6.46 -21.28
CA ASP D 71 -60.33 7.54 -22.16
C ASP D 71 -59.16 8.04 -23.04
N GLU D 72 -59.39 9.14 -23.75
CA GLU D 72 -58.51 9.50 -24.85
C GLU D 72 -57.23 10.18 -24.38
N TYR D 73 -57.34 10.94 -23.28
CA TYR D 73 -56.18 11.59 -22.70
C TYR D 73 -55.17 10.57 -22.15
N MET D 74 -55.70 9.57 -21.45
CA MET D 74 -54.91 8.44 -20.97
C MET D 74 -54.19 7.77 -22.14
N LYS D 75 -54.95 7.54 -23.21
CA LYS D 75 -54.40 6.88 -24.39
C LYS D 75 -53.23 7.68 -24.94
N GLU D 76 -53.35 9.00 -24.89
CA GLU D 76 -52.22 9.80 -25.36
C GLU D 76 -51.09 9.69 -24.33
N ALA D 77 -51.46 9.84 -23.06
CA ALA D 77 -50.55 9.68 -21.93
C ALA D 77 -49.71 8.42 -22.12
N VAL D 78 -50.40 7.33 -22.39
CA VAL D 78 -49.77 6.09 -22.77
C VAL D 78 -48.75 6.26 -23.91
N ASP D 79 -49.19 6.84 -25.01
CA ASP D 79 -48.36 6.95 -26.19
C ASP D 79 -47.07 7.67 -25.87
N HIS D 80 -47.22 8.81 -25.20
CA HIS D 80 -46.03 9.56 -24.83
C HIS D 80 -45.09 8.75 -23.95
N TYR D 81 -45.61 8.22 -22.86
CA TYR D 81 -44.77 7.53 -21.88
C TYR D 81 -44.05 6.33 -22.48
N ALA D 82 -44.79 5.50 -23.21
CA ALA D 82 -44.20 4.32 -23.88
C ALA D 82 -43.12 4.78 -24.85
N GLY D 83 -43.35 5.96 -25.43
CA GLY D 83 -42.40 6.58 -26.33
C GLY D 83 -41.08 6.89 -25.67
N GLN D 84 -41.11 7.58 -24.53
CA GLN D 84 -39.90 7.83 -23.74
C GLN D 84 -39.15 6.52 -23.55
N LEU D 85 -39.84 5.55 -22.94
CA LEU D 85 -39.22 4.31 -22.52
C LEU D 85 -38.52 3.58 -23.67
N MET D 86 -39.13 3.63 -24.87
CA MET D 86 -38.54 3.04 -26.07
C MET D 86 -37.07 3.45 -26.25
N SER D 87 -36.76 4.71 -25.91
CA SER D 87 -35.40 5.23 -26.01
C SER D 87 -34.36 4.49 -25.18
N LEU D 88 -34.81 3.73 -24.19
CA LEU D 88 -33.89 2.98 -23.36
C LEU D 88 -33.39 1.70 -24.05
N ASP D 89 -34.05 1.31 -25.14
CA ASP D 89 -33.80 0.03 -25.82
C ASP D 89 -33.79 -1.11 -24.82
N ILE D 90 -34.96 -1.35 -24.23
CA ILE D 90 -35.12 -2.31 -23.16
C ILE D 90 -35.27 -3.73 -23.64
N ASN D 91 -34.33 -4.58 -23.27
CA ASN D 91 -34.44 -6.02 -23.51
C ASN D 91 -35.82 -6.57 -23.10
N THR D 92 -36.55 -7.09 -24.09
CA THR D 92 -37.93 -7.54 -23.92
C THR D 92 -38.03 -9.05 -23.79
N GLU D 93 -36.88 -9.72 -23.82
CA GLU D 93 -36.81 -11.16 -23.64
C GLU D 93 -37.24 -11.59 -22.26
N GLN D 94 -37.81 -12.78 -22.17
CA GLN D 94 -38.08 -13.38 -20.88
C GLN D 94 -36.77 -13.62 -20.12
N MET D 95 -36.82 -13.47 -18.82
CA MET D 95 -35.62 -13.69 -18.04
C MET D 95 -35.55 -15.16 -17.68
N CYS D 96 -34.33 -15.68 -17.73
CA CYS D 96 -34.10 -17.07 -17.41
C CYS D 96 -34.48 -17.35 -15.95
N LEU D 97 -35.02 -18.54 -15.69
CA LEU D 97 -35.49 -18.90 -14.35
C LEU D 97 -34.40 -18.74 -13.29
N GLU D 98 -33.19 -19.17 -13.62
CA GLU D 98 -32.06 -19.09 -12.70
C GLU D 98 -31.80 -17.65 -12.25
N ASP D 99 -31.90 -16.70 -13.18
CA ASP D 99 -31.68 -15.29 -12.83
C ASP D 99 -32.86 -14.74 -12.06
N ALA D 100 -34.07 -15.14 -12.45
CA ALA D 100 -35.28 -14.66 -11.77
C ALA D 100 -35.34 -15.19 -10.34
N MET D 101 -34.54 -16.21 -10.04
CA MET D 101 -34.44 -16.75 -8.69
C MET D 101 -33.26 -16.15 -7.90
N TYR D 102 -32.07 -16.25 -8.49
CA TYR D 102 -30.82 -16.02 -7.80
C TYR D 102 -30.12 -14.72 -8.20
N GLY D 103 -30.78 -13.94 -9.04
CA GLY D 103 -30.33 -12.61 -9.36
C GLY D 103 -29.38 -12.55 -10.53
N THR D 104 -29.11 -11.33 -10.99
CA THR D 104 -28.26 -11.10 -12.15
C THR D 104 -28.01 -9.60 -12.12
N ASP D 105 -27.42 -9.08 -13.19
CA ASP D 105 -27.09 -7.65 -13.31
C ASP D 105 -28.35 -6.80 -13.29
N GLY D 106 -28.45 -5.90 -12.32
CA GLY D 106 -29.60 -5.01 -12.23
C GLY D 106 -30.78 -5.59 -11.45
N LEU D 107 -30.65 -6.83 -11.02
CA LEU D 107 -31.76 -7.49 -10.32
C LEU D 107 -31.25 -8.29 -9.13
N GLU D 108 -31.74 -7.97 -7.95
CA GLU D 108 -31.31 -8.68 -6.74
C GLU D 108 -31.95 -10.05 -6.60
N ALA D 109 -31.24 -10.98 -6.00
CA ALA D 109 -31.81 -12.30 -5.68
C ALA D 109 -32.97 -12.18 -4.67
N LEU D 110 -33.89 -13.13 -4.74
CA LEU D 110 -35.01 -13.16 -3.80
C LEU D 110 -34.48 -13.25 -2.38
N ASP D 111 -35.24 -12.67 -1.45
CA ASP D 111 -34.88 -12.57 -0.04
C ASP D 111 -35.32 -13.82 0.75
N LEU D 112 -34.34 -14.56 1.28
CA LEU D 112 -34.63 -15.81 1.99
C LEU D 112 -34.93 -15.58 3.47
N SER D 113 -35.00 -14.32 3.88
CA SER D 113 -35.36 -14.03 5.27
C SER D 113 -36.81 -13.63 5.32
N THR D 114 -37.47 -13.73 4.17
CA THR D 114 -38.90 -13.44 4.10
C THR D 114 -39.68 -14.68 3.71
N SER D 115 -40.99 -14.57 3.82
CA SER D 115 -41.86 -15.73 3.61
C SER D 115 -41.97 -16.10 2.14
N ALA D 116 -42.38 -17.33 1.91
CA ALA D 116 -42.62 -17.76 0.55
C ALA D 116 -44.11 -17.57 0.19
N GLY D 117 -44.95 -17.36 1.20
CA GLY D 117 -46.37 -17.10 0.96
C GLY D 117 -47.25 -18.35 0.82
N TYR D 118 -48.46 -18.18 0.30
CA TYR D 118 -49.34 -19.34 0.06
C TYR D 118 -48.92 -20.12 -1.17
N PRO D 119 -48.89 -21.46 -1.09
CA PRO D 119 -49.32 -22.34 0.01
C PRO D 119 -48.23 -22.68 1.02
N TYR D 120 -46.97 -22.42 0.68
CA TYR D 120 -45.80 -22.80 1.50
C TYR D 120 -45.91 -22.43 2.96
N VAL D 121 -46.45 -21.25 3.22
CA VAL D 121 -46.67 -20.79 4.58
C VAL D 121 -47.40 -21.86 5.39
N ALA D 122 -48.46 -22.44 4.80
CA ALA D 122 -49.35 -23.38 5.48
C ALA D 122 -48.73 -24.74 5.77
N MET D 123 -47.88 -25.22 4.86
CA MET D 123 -47.09 -26.43 5.10
C MET D 123 -45.95 -26.19 6.08
N GLY D 124 -45.85 -24.95 6.56
CA GLY D 124 -44.69 -24.50 7.30
C GLY D 124 -43.40 -24.62 6.50
N LYS D 125 -43.47 -24.41 5.19
CA LYS D 125 -42.27 -24.49 4.34
C LYS D 125 -41.57 -23.13 4.21
N LYS D 126 -40.30 -23.14 3.78
CA LYS D 126 -39.53 -21.91 3.75
C LYS D 126 -38.73 -21.71 2.47
N LYS D 127 -38.44 -20.46 2.14
CA LYS D 127 -37.69 -20.13 0.94
C LYS D 127 -36.34 -20.84 0.86
N ARG D 128 -35.63 -20.89 1.98
CA ARG D 128 -34.32 -21.55 2.05
C ARG D 128 -34.39 -23.03 1.66
N ASP D 129 -35.60 -23.60 1.76
CA ASP D 129 -35.83 -25.02 1.50
C ASP D 129 -35.95 -25.33 0.01
N ILE D 130 -36.17 -24.29 -0.79
CA ILE D 130 -36.32 -24.46 -2.24
C ILE D 130 -35.18 -23.77 -3.00
N LEU D 131 -34.67 -22.66 -2.45
CA LEU D 131 -33.56 -21.96 -3.09
C LEU D 131 -32.22 -22.26 -2.39
N ASN D 132 -31.15 -22.31 -3.19
CA ASN D 132 -29.81 -22.41 -2.65
C ASN D 132 -28.85 -21.64 -3.53
N LYS D 133 -28.39 -20.50 -3.03
CA LYS D 133 -27.52 -19.61 -3.81
C LYS D 133 -26.19 -20.26 -4.15
N GLN D 134 -25.80 -21.26 -3.37
CA GLN D 134 -24.56 -21.97 -3.63
C GLN D 134 -24.66 -22.67 -4.97
N THR D 135 -25.58 -23.62 -5.07
CA THR D 135 -25.74 -24.41 -6.29
C THR D 135 -26.40 -23.61 -7.38
N ARG D 136 -27.21 -22.63 -6.97
CA ARG D 136 -28.13 -21.94 -7.86
C ARG D 136 -29.00 -22.99 -8.57
N ASP D 137 -29.45 -23.96 -7.76
CA ASP D 137 -30.27 -25.07 -8.25
C ASP D 137 -31.68 -24.58 -8.50
N THR D 138 -32.16 -24.85 -9.71
CA THR D 138 -33.49 -24.41 -10.13
C THR D 138 -34.48 -25.58 -10.28
N LYS D 139 -33.97 -26.80 -10.30
CA LYS D 139 -34.79 -27.97 -10.58
C LYS D 139 -36.01 -28.09 -9.66
N GLU D 140 -35.84 -27.85 -8.35
CA GLU D 140 -36.95 -28.03 -7.41
C GLU D 140 -38.05 -26.99 -7.60
N MET D 141 -37.62 -25.74 -7.66
CA MET D 141 -38.55 -24.63 -7.82
C MET D 141 -39.41 -24.84 -9.07
N GLN D 142 -38.78 -25.31 -10.15
CA GLN D 142 -39.49 -25.57 -11.39
C GLN D 142 -40.64 -26.56 -11.19
N LYS D 143 -40.44 -27.51 -10.27
CA LYS D 143 -41.47 -28.51 -10.03
C LYS D 143 -42.62 -27.85 -9.31
N LEU D 144 -42.28 -26.96 -8.39
CA LEU D 144 -43.31 -26.23 -7.66
C LEU D 144 -44.12 -25.31 -8.59
N LEU D 145 -43.48 -24.79 -9.63
CA LEU D 145 -44.22 -24.06 -10.66
C LEU D 145 -45.23 -24.99 -11.38
N ASP D 146 -44.73 -26.14 -11.86
CA ASP D 146 -45.54 -27.15 -12.52
C ASP D 146 -46.74 -27.59 -11.66
N THR D 147 -46.54 -27.55 -10.35
CA THR D 147 -47.48 -28.09 -9.38
C THR D 147 -48.62 -27.15 -8.96
N TYR D 148 -48.22 -25.97 -8.49
CA TYR D 148 -49.11 -25.04 -7.81
C TYR D 148 -49.47 -23.94 -8.75
N GLY D 149 -48.76 -23.93 -9.88
CA GLY D 149 -48.97 -22.97 -10.94
C GLY D 149 -48.80 -21.53 -10.49
N ILE D 150 -49.58 -20.63 -11.06
CA ILE D 150 -49.49 -19.23 -10.67
C ILE D 150 -50.85 -18.61 -10.34
N ASN D 151 -50.85 -17.29 -10.23
CA ASN D 151 -52.02 -16.55 -9.78
C ASN D 151 -52.51 -17.07 -8.44
N LEU D 152 -51.59 -17.34 -7.52
CA LEU D 152 -51.94 -17.73 -6.15
C LEU D 152 -52.49 -16.58 -5.27
N PRO D 153 -53.04 -16.91 -4.09
CA PRO D 153 -53.56 -15.83 -3.27
C PRO D 153 -52.47 -15.03 -2.57
N LEU D 154 -52.75 -13.75 -2.37
CA LEU D 154 -51.87 -12.89 -1.59
C LEU D 154 -52.23 -13.08 -0.14
N VAL D 155 -51.23 -13.27 0.72
CA VAL D 155 -51.51 -13.35 2.15
C VAL D 155 -51.36 -11.98 2.78
N THR D 156 -52.41 -11.48 3.43
CA THR D 156 -52.47 -10.10 3.89
C THR D 156 -52.09 -9.89 5.35
N TYR D 157 -51.06 -9.08 5.60
CA TYR D 157 -50.60 -8.78 6.96
C TYR D 157 -50.71 -7.31 7.32
N VAL D 158 -50.74 -7.03 8.63
CA VAL D 158 -50.68 -5.64 9.14
C VAL D 158 -49.25 -5.15 9.22
N LYS D 159 -49.00 -3.94 8.74
CA LYS D 159 -47.65 -3.36 8.75
C LYS D 159 -47.28 -2.88 10.17
N ASP D 160 -46.17 -3.37 10.70
CA ASP D 160 -45.71 -3.06 12.06
C ASP D 160 -44.76 -1.82 12.07
N GLU D 161 -45.31 -0.67 12.43
CA GLU D 161 -44.61 0.59 12.22
C GLU D 161 -45.09 1.73 13.13
N LEU D 162 -44.23 2.72 13.33
CA LEU D 162 -44.64 3.92 14.02
C LEU D 162 -45.68 4.72 13.24
N ARG D 163 -46.78 5.07 13.89
CA ARG D 163 -47.81 5.82 13.20
C ARG D 163 -48.35 6.91 14.10
N SER D 164 -48.91 7.95 13.51
CA SER D 164 -49.36 9.08 14.32
C SER D 164 -50.55 8.70 15.20
N LYS D 165 -50.71 9.46 16.29
CA LYS D 165 -51.80 9.29 17.28
C LYS D 165 -53.20 8.98 16.70
N THR D 166 -53.79 9.93 15.97
CA THR D 166 -55.13 9.72 15.42
C THR D 166 -55.18 8.45 14.57
N LYS D 167 -54.22 8.29 13.66
CA LYS D 167 -54.17 7.10 12.82
C LYS D 167 -54.11 5.85 13.69
N VAL D 168 -53.45 5.95 14.84
CA VAL D 168 -53.48 4.83 15.77
C VAL D 168 -54.93 4.64 16.24
N GLU D 169 -55.47 5.65 16.92
CA GLU D 169 -56.84 5.60 17.46
C GLU D 169 -57.89 5.24 16.39
N GLN D 170 -57.88 5.97 15.26
CA GLN D 170 -58.84 5.75 14.17
C GLN D 170 -58.63 4.42 13.43
N GLY D 171 -57.68 3.62 13.93
CA GLY D 171 -57.40 2.29 13.41
C GLY D 171 -56.79 2.17 12.02
N LYS D 172 -56.34 3.28 11.44
CA LYS D 172 -55.83 3.25 10.06
C LYS D 172 -54.43 2.63 9.90
N SER D 173 -54.28 1.35 10.21
CA SER D 173 -53.02 0.63 10.04
C SER D 173 -52.83 0.29 8.58
N ARG D 174 -51.59 0.11 8.15
CA ARG D 174 -51.38 -0.18 6.74
C ARG D 174 -51.33 -1.69 6.48
N LEU D 175 -51.65 -2.09 5.25
CA LEU D 175 -51.67 -3.51 4.92
C LEU D 175 -50.58 -3.92 3.95
N ILE D 176 -50.25 -5.20 4.00
CA ILE D 176 -49.17 -5.78 3.23
C ILE D 176 -49.66 -7.04 2.53
N GLU D 177 -49.52 -7.11 1.22
CA GLU D 177 -49.98 -8.30 0.51
C GLU D 177 -48.76 -9.15 0.18
N ALA D 178 -48.70 -10.33 0.76
CA ALA D 178 -47.53 -11.18 0.65
C ALA D 178 -47.66 -12.04 -0.60
N SER D 179 -46.90 -11.70 -1.63
CA SER D 179 -46.91 -12.48 -2.86
C SER D 179 -46.46 -13.93 -2.67
N SER D 180 -47.16 -14.83 -3.33
CA SER D 180 -46.70 -16.21 -3.41
C SER D 180 -45.28 -16.27 -3.94
N LEU D 181 -44.45 -17.16 -3.39
CA LEU D 181 -43.11 -17.42 -3.95
C LEU D 181 -43.21 -17.74 -5.44
N ASN D 182 -44.27 -18.46 -5.81
CA ASN D 182 -44.50 -18.79 -7.21
C ASN D 182 -44.74 -17.55 -8.05
N ASP D 183 -45.48 -16.58 -7.52
CA ASP D 183 -45.81 -15.48 -8.41
C ASP D 183 -44.63 -14.54 -8.59
N SER D 184 -43.86 -14.31 -7.53
CA SER D 184 -42.65 -13.50 -7.62
C SER D 184 -41.68 -14.05 -8.67
N VAL D 185 -41.48 -15.35 -8.67
CA VAL D 185 -40.61 -15.97 -9.66
C VAL D 185 -41.21 -15.81 -11.09
N ALA D 186 -42.51 -16.07 -11.26
CA ALA D 186 -43.12 -15.89 -12.59
C ALA D 186 -43.03 -14.44 -13.07
N MET D 187 -43.21 -13.51 -12.12
CA MET D 187 -43.15 -12.10 -12.45
C MET D 187 -41.74 -11.71 -12.85
N ARG D 188 -40.76 -12.30 -12.18
CA ARG D 188 -39.39 -11.87 -12.44
C ARG D 188 -38.96 -12.44 -13.79
N MET D 189 -39.32 -13.70 -14.06
CA MET D 189 -39.09 -14.27 -15.38
C MET D 189 -39.72 -13.42 -16.50
N ALA D 190 -40.95 -12.97 -16.29
CA ALA D 190 -41.61 -12.19 -17.32
C ALA D 190 -41.02 -10.77 -17.44
N PHE D 191 -40.81 -10.09 -16.31
CA PHE D 191 -40.45 -8.66 -16.33
C PHE D 191 -39.04 -8.30 -15.83
N GLY D 192 -38.23 -9.28 -15.41
CA GLY D 192 -36.93 -9.01 -14.84
C GLY D 192 -36.01 -8.04 -15.58
N ASN D 193 -35.98 -8.18 -16.91
CA ASN D 193 -35.22 -7.29 -17.78
C ASN D 193 -35.85 -5.89 -17.75
N LEU D 194 -37.15 -5.83 -17.45
CA LEU D 194 -37.78 -4.52 -17.26
C LEU D 194 -37.31 -3.89 -15.93
N TYR D 195 -37.44 -4.66 -14.84
CA TYR D 195 -36.98 -4.21 -13.53
C TYR D 195 -35.52 -3.73 -13.57
N ALA D 196 -34.61 -4.56 -14.11
CA ALA D 196 -33.18 -4.17 -14.19
C ALA D 196 -32.96 -2.85 -14.94
N ALA D 197 -33.71 -2.63 -16.01
CA ALA D 197 -33.56 -1.40 -16.80
C ALA D 197 -33.92 -0.19 -15.96
N PHE D 198 -34.98 -0.32 -15.16
CA PHE D 198 -35.38 0.78 -14.28
C PHE D 198 -34.37 1.01 -13.17
N HIS D 199 -34.00 -0.07 -12.51
CA HIS D 199 -32.98 -0.01 -11.48
C HIS D 199 -31.74 0.73 -11.99
N LYS D 200 -31.33 0.45 -13.23
CA LYS D 200 -30.14 1.05 -13.82
C LYS D 200 -30.37 2.48 -14.29
N ASN D 201 -31.61 2.87 -14.52
CA ASN D 201 -31.79 4.21 -15.06
C ASN D 201 -32.74 5.12 -14.32
N PRO D 202 -32.42 5.41 -13.04
CA PRO D 202 -33.30 6.34 -12.32
C PRO D 202 -33.21 7.71 -12.95
N GLY D 203 -34.33 8.43 -13.09
CA GLY D 203 -34.30 9.76 -13.68
C GLY D 203 -35.56 10.24 -14.41
N VAL D 204 -35.36 11.03 -15.47
CA VAL D 204 -36.49 11.65 -16.14
C VAL D 204 -36.93 10.94 -17.41
N ILE D 205 -36.21 9.89 -17.83
CA ILE D 205 -36.64 9.01 -18.92
C ILE D 205 -37.58 7.93 -18.42
N THR D 206 -37.09 7.19 -17.43
CA THR D 206 -37.92 6.18 -16.77
C THR D 206 -39.02 6.91 -16.00
N GLY D 207 -38.70 8.09 -15.51
CA GLY D 207 -39.58 8.83 -14.64
C GLY D 207 -39.68 8.16 -13.29
N SER D 208 -38.64 7.42 -12.91
CA SER D 208 -38.62 6.67 -11.65
C SER D 208 -37.34 6.89 -10.80
N ALA D 209 -37.49 6.83 -9.48
CA ALA D 209 -36.38 7.12 -8.54
C ALA D 209 -35.74 5.86 -7.97
N VAL D 210 -36.36 4.71 -8.22
CA VAL D 210 -35.79 3.44 -7.77
C VAL D 210 -34.34 3.33 -8.21
N GLY D 211 -33.42 3.17 -7.26
CA GLY D 211 -32.02 3.11 -7.63
C GLY D 211 -31.29 4.41 -7.31
N CYS D 212 -32.03 5.38 -6.77
CA CYS D 212 -31.48 6.66 -6.30
C CYS D 212 -30.62 6.34 -5.09
N ASP D 213 -29.52 7.04 -4.93
CA ASP D 213 -28.89 7.19 -3.63
C ASP D 213 -28.99 8.67 -3.35
N PRO D 214 -29.90 9.05 -2.46
CA PRO D 214 -30.20 10.46 -2.27
C PRO D 214 -28.96 11.36 -1.99
N ASP D 215 -27.95 10.80 -1.34
CA ASP D 215 -26.77 11.57 -0.98
C ASP D 215 -26.00 12.09 -2.19
N LEU D 216 -26.05 11.32 -3.29
CA LEU D 216 -25.41 11.72 -4.53
C LEU D 216 -26.40 12.28 -5.55
N PHE D 217 -27.58 11.67 -5.60
CA PHE D 217 -28.53 11.99 -6.63
C PHE D 217 -29.22 13.32 -6.42
N TRP D 218 -29.28 13.81 -5.18
CA TRP D 218 -29.96 15.07 -4.91
C TRP D 218 -29.40 16.22 -5.72
N SER D 219 -28.12 16.13 -6.01
CA SER D 219 -27.41 17.21 -6.68
C SER D 219 -27.66 17.19 -8.18
N LYS D 220 -28.10 16.04 -8.68
CA LYS D 220 -28.32 15.85 -10.10
C LYS D 220 -29.73 16.27 -10.51
N ILE D 221 -30.65 16.18 -9.56
CA ILE D 221 -32.06 16.45 -9.82
C ILE D 221 -32.34 17.88 -10.33
N PRO D 222 -31.83 18.93 -9.65
CA PRO D 222 -32.17 20.28 -10.12
C PRO D 222 -31.73 20.54 -11.55
N VAL D 223 -30.63 19.90 -11.95
CA VAL D 223 -30.10 19.97 -13.29
C VAL D 223 -31.08 19.38 -14.31
N LEU D 224 -31.76 18.31 -13.92
CA LEU D 224 -32.69 17.58 -14.79
C LEU D 224 -34.08 18.22 -14.88
N MET D 225 -34.34 19.20 -14.03
CA MET D 225 -35.70 19.72 -13.92
C MET D 225 -35.91 20.95 -14.81
N GLU D 226 -37.14 21.15 -15.24
CA GLU D 226 -37.47 22.39 -15.93
C GLU D 226 -37.63 23.48 -14.87
N GLU D 227 -37.90 24.70 -15.32
CA GLU D 227 -37.78 25.89 -14.47
C GLU D 227 -38.76 25.95 -13.28
N LYS D 228 -40.03 25.61 -13.52
CA LYS D 228 -41.03 25.71 -12.47
C LYS D 228 -41.46 24.30 -12.06
N LEU D 229 -41.83 24.15 -10.79
CA LEU D 229 -42.11 22.85 -10.19
C LEU D 229 -43.53 22.79 -9.73
N PHE D 230 -44.07 21.58 -9.66
CA PHE D 230 -45.37 21.36 -9.01
C PHE D 230 -45.33 20.02 -8.29
N ALA D 231 -46.23 19.82 -7.35
CA ALA D 231 -46.25 18.60 -6.57
C ALA D 231 -47.53 18.50 -5.75
N PHE D 232 -47.82 17.31 -5.28
CA PHE D 232 -48.99 17.10 -4.44
C PHE D 232 -48.87 15.78 -3.72
N ASP D 233 -49.71 15.57 -2.73
CA ASP D 233 -49.84 14.27 -2.09
C ASP D 233 -51.06 13.51 -2.62
N TYR D 234 -51.07 12.20 -2.43
CA TYR D 234 -52.23 11.38 -2.77
C TYR D 234 -52.87 10.84 -1.51
N THR D 235 -54.16 10.55 -1.54
CA THR D 235 -54.76 9.80 -0.46
C THR D 235 -54.92 8.36 -0.93
N GLY D 236 -54.42 7.42 -0.11
CA GLY D 236 -54.53 6.01 -0.41
C GLY D 236 -54.29 5.70 -1.87
N TYR D 237 -53.24 6.30 -2.42
CA TYR D 237 -52.87 6.09 -3.82
C TYR D 237 -53.13 4.67 -4.31
N ASP D 238 -52.49 3.69 -3.66
CA ASP D 238 -52.56 2.29 -4.06
C ASP D 238 -54.00 1.84 -4.23
N ALA D 239 -54.79 2.01 -3.18
CA ALA D 239 -56.14 1.44 -3.20
C ALA D 239 -57.16 2.35 -3.91
N SER D 240 -56.72 3.44 -4.49
CA SER D 240 -57.63 4.27 -5.27
C SER D 240 -57.61 3.86 -6.75
N LEU D 241 -56.52 3.24 -7.19
CA LEU D 241 -56.31 2.99 -8.60
C LEU D 241 -57.40 2.16 -9.25
N SER D 242 -58.07 2.79 -10.22
CA SER D 242 -59.16 2.20 -10.98
C SER D 242 -58.62 1.32 -12.09
N PRO D 243 -59.29 0.18 -12.33
CA PRO D 243 -58.89 -0.82 -13.32
C PRO D 243 -58.55 -0.24 -14.67
N ALA D 244 -59.13 0.92 -14.99
CA ALA D 244 -58.72 1.66 -16.17
C ALA D 244 -57.22 1.79 -16.23
N TRP D 245 -56.61 2.11 -15.08
CA TRP D 245 -55.19 2.44 -14.99
C TRP D 245 -54.28 1.24 -15.24
N PHE D 246 -54.76 0.07 -14.84
CA PHE D 246 -54.05 -1.17 -15.13
C PHE D 246 -54.06 -1.43 -16.64
N GLU D 247 -55.21 -1.21 -17.26
CA GLU D 247 -55.34 -1.40 -18.71
C GLU D 247 -54.35 -0.48 -19.41
N ALA D 248 -54.17 0.72 -18.86
CA ALA D 248 -53.26 1.67 -19.48
C ALA D 248 -51.85 1.11 -19.43
N LEU D 249 -51.48 0.64 -18.25
CA LEU D 249 -50.18 0.03 -18.02
C LEU D 249 -49.90 -1.10 -18.99
N LYS D 250 -50.89 -2.00 -19.13
CA LYS D 250 -50.82 -3.08 -20.10
C LYS D 250 -50.53 -2.55 -21.52
N MET D 251 -51.14 -1.42 -21.86
CA MET D 251 -50.93 -0.85 -23.18
C MET D 251 -49.47 -0.42 -23.31
N VAL D 252 -48.92 0.21 -22.27
CA VAL D 252 -47.50 0.60 -22.27
C VAL D 252 -46.57 -0.62 -22.45
N LEU D 253 -46.88 -1.70 -21.74
CA LEU D 253 -46.09 -2.93 -21.83
C LEU D 253 -46.17 -3.61 -23.23
N GLU D 254 -47.30 -3.48 -23.92
CA GLU D 254 -47.40 -3.95 -25.31
C GLU D 254 -46.51 -3.05 -26.19
N LYS D 255 -46.73 -1.75 -26.03
CA LYS D 255 -46.09 -0.75 -26.85
C LYS D 255 -44.58 -0.79 -26.73
N ILE D 256 -44.08 -1.29 -25.59
CA ILE D 256 -42.63 -1.41 -25.42
C ILE D 256 -42.14 -2.84 -25.60
N GLY D 257 -43.03 -3.77 -25.94
CA GLY D 257 -42.61 -5.10 -26.37
C GLY D 257 -42.84 -6.25 -25.41
N PHE D 258 -43.65 -6.04 -24.40
CA PHE D 258 -43.89 -7.08 -23.40
C PHE D 258 -45.33 -7.61 -23.56
N GLY D 259 -45.78 -7.66 -24.82
CA GLY D 259 -47.18 -7.87 -25.12
C GLY D 259 -47.82 -9.15 -24.60
N ASP D 260 -47.07 -10.24 -24.59
CA ASP D 260 -47.63 -11.50 -24.17
C ASP D 260 -47.78 -11.58 -22.66
N ARG D 261 -46.97 -10.82 -21.94
CA ARG D 261 -46.92 -10.97 -20.49
C ARG D 261 -47.96 -10.13 -19.75
N VAL D 262 -48.73 -9.34 -20.49
CA VAL D 262 -49.70 -8.42 -19.89
C VAL D 262 -50.81 -9.07 -19.08
N ASP D 263 -50.84 -10.40 -19.02
CA ASP D 263 -51.83 -11.09 -18.23
C ASP D 263 -51.49 -10.97 -16.76
N TYR D 264 -50.20 -10.95 -16.46
CA TYR D 264 -49.75 -10.87 -15.07
C TYR D 264 -50.31 -9.61 -14.38
N ILE D 265 -50.44 -8.53 -15.13
CA ILE D 265 -51.04 -7.29 -14.63
C ILE D 265 -52.49 -7.50 -14.22
N ASP D 266 -53.14 -8.51 -14.80
CA ASP D 266 -54.53 -8.81 -14.47
C ASP D 266 -54.63 -9.37 -13.05
N TYR D 267 -53.66 -10.21 -12.67
CA TYR D 267 -53.73 -10.87 -11.37
C TYR D 267 -53.49 -9.83 -10.27
N LEU D 268 -52.90 -8.68 -10.64
CA LEU D 268 -52.64 -7.62 -9.67
C LEU D 268 -53.87 -6.75 -9.57
N ASN D 269 -54.64 -6.71 -10.65
CA ASN D 269 -55.86 -5.91 -10.69
C ASN D 269 -57.00 -6.65 -10.02
N HIS D 270 -57.18 -7.91 -10.41
CA HIS D 270 -58.18 -8.76 -9.79
C HIS D 270 -57.44 -9.80 -8.96
N SER D 271 -57.34 -9.52 -7.67
CA SER D 271 -56.56 -10.33 -6.74
C SER D 271 -57.45 -10.99 -5.72
N HIS D 272 -57.00 -12.12 -5.19
CA HIS D 272 -57.70 -12.80 -4.10
C HIS D 272 -56.75 -12.95 -2.95
N HIS D 273 -57.29 -12.85 -1.73
CA HIS D 273 -56.51 -12.54 -0.53
C HIS D 273 -56.82 -13.43 0.68
N LEU D 274 -55.80 -13.85 1.40
CA LEU D 274 -56.06 -14.45 2.70
C LEU D 274 -55.66 -13.47 3.81
N TYR D 275 -56.44 -13.45 4.88
CA TYR D 275 -56.20 -12.57 6.01
C TYR D 275 -56.76 -13.21 7.26
N LYS D 276 -55.87 -13.66 8.13
CA LYS D 276 -56.22 -14.45 9.31
C LYS D 276 -57.20 -15.54 8.94
N ASN D 277 -58.45 -15.39 9.39
CA ASN D 277 -59.49 -16.38 9.20
C ASN D 277 -60.40 -16.07 8.01
N LYS D 278 -60.03 -15.10 7.19
CA LYS D 278 -60.90 -14.68 6.10
C LYS D 278 -60.29 -14.81 4.72
N THR D 279 -61.08 -14.44 3.71
CA THR D 279 -60.75 -14.64 2.30
C THR D 279 -61.55 -13.65 1.49
N TYR D 280 -60.96 -13.05 0.47
CA TYR D 280 -61.70 -12.03 -0.26
C TYR D 280 -61.13 -11.71 -1.63
N CYS D 281 -61.99 -11.14 -2.46
CA CYS D 281 -61.60 -10.71 -3.80
C CYS D 281 -61.62 -9.20 -3.82
N VAL D 282 -60.71 -8.61 -4.60
CA VAL D 282 -60.65 -7.18 -4.80
C VAL D 282 -60.59 -6.88 -6.29
N LYS D 283 -61.29 -5.86 -6.73
CA LYS D 283 -61.11 -5.36 -8.09
C LYS D 283 -60.55 -3.93 -8.03
N GLY D 284 -59.45 -3.69 -8.75
CA GLY D 284 -58.76 -2.41 -8.70
C GLY D 284 -57.82 -2.35 -7.50
N GLY D 285 -56.93 -1.36 -7.46
CA GLY D 285 -55.96 -1.21 -6.36
C GLY D 285 -54.68 -2.03 -6.48
N MET D 286 -53.53 -1.36 -6.41
CA MET D 286 -52.26 -2.06 -6.49
C MET D 286 -51.98 -2.82 -5.21
N PRO D 287 -51.75 -4.14 -5.30
CA PRO D 287 -51.48 -4.87 -4.05
C PRO D 287 -50.14 -4.48 -3.45
N SER D 288 -50.15 -4.02 -2.20
CA SER D 288 -48.95 -3.52 -1.53
C SER D 288 -47.62 -4.19 -1.89
N GLY D 289 -47.46 -5.46 -1.55
CA GLY D 289 -46.18 -6.15 -1.75
C GLY D 289 -46.10 -7.25 -2.78
N ALA D 290 -46.62 -7.02 -3.97
CA ALA D 290 -46.47 -8.00 -5.05
C ALA D 290 -45.15 -7.68 -5.75
N SER D 291 -44.60 -8.63 -6.50
CA SER D 291 -43.43 -8.34 -7.34
C SER D 291 -43.72 -7.12 -8.19
N GLY D 292 -42.75 -6.23 -8.33
CA GLY D 292 -42.88 -5.05 -9.18
C GLY D 292 -43.78 -3.90 -8.71
N THR D 293 -44.18 -3.86 -7.45
CA THR D 293 -45.06 -2.78 -7.00
C THR D 293 -44.41 -1.42 -7.10
N SER D 294 -43.13 -1.32 -6.75
CA SER D 294 -42.49 0.00 -6.86
C SER D 294 -42.45 0.48 -8.31
N ILE D 295 -42.05 -0.40 -9.22
CA ILE D 295 -41.93 -0.07 -10.63
C ILE D 295 -43.29 0.32 -11.21
N PHE D 296 -44.29 -0.54 -11.04
CA PHE D 296 -45.57 -0.29 -11.68
C PHE D 296 -46.28 0.94 -11.10
N ASN D 297 -46.20 1.13 -9.78
CA ASN D 297 -46.82 2.30 -9.20
C ASN D 297 -46.20 3.57 -9.79
N SER D 298 -44.91 3.48 -10.08
CA SER D 298 -44.21 4.60 -10.64
C SER D 298 -44.64 4.82 -12.08
N MET D 299 -44.89 3.72 -12.77
CA MET D 299 -45.28 3.78 -14.16
C MET D 299 -46.68 4.37 -14.28
N ILE D 300 -47.60 3.81 -13.51
CA ILE D 300 -48.94 4.37 -13.48
C ILE D 300 -48.89 5.83 -13.04
N ASN D 301 -48.02 6.14 -12.09
CA ASN D 301 -47.94 7.52 -11.64
C ASN D 301 -47.53 8.42 -12.80
N ASN D 302 -46.71 7.89 -13.70
CA ASN D 302 -46.25 8.63 -14.87
C ASN D 302 -47.39 8.90 -15.84
N LEU D 303 -48.31 7.95 -15.92
CA LEU D 303 -49.45 8.06 -16.81
C LEU D 303 -50.49 9.03 -16.25
N ILE D 304 -50.77 8.92 -14.95
CA ILE D 304 -51.66 9.87 -14.26
C ILE D 304 -51.32 11.37 -14.49
N ILE D 305 -50.07 11.73 -14.28
CA ILE D 305 -49.70 13.15 -14.36
C ILE D 305 -49.82 13.61 -15.80
N ARG D 306 -49.42 12.75 -16.74
CA ARG D 306 -49.51 13.08 -18.16
C ARG D 306 -50.96 13.30 -18.58
N THR D 307 -51.82 12.36 -18.19
CA THR D 307 -53.25 12.50 -18.39
C THR D 307 -53.78 13.82 -17.85
N LEU D 308 -53.62 14.03 -16.55
CA LEU D 308 -54.15 15.21 -15.87
C LEU D 308 -53.71 16.49 -16.56
N LEU D 309 -52.48 16.54 -17.04
CA LEU D 309 -52.00 17.74 -17.71
C LEU D 309 -52.76 17.97 -19.02
N LEU D 310 -53.16 16.87 -19.64
CA LEU D 310 -53.79 16.94 -20.94
C LEU D 310 -55.24 17.42 -20.83
N LYS D 311 -55.99 16.90 -19.86
CA LYS D 311 -57.40 17.28 -19.75
C LYS D 311 -57.52 18.73 -19.32
N THR D 312 -56.49 19.23 -18.65
CA THR D 312 -56.53 20.51 -17.96
C THR D 312 -55.85 21.61 -18.75
N TYR D 313 -54.69 21.30 -19.33
CA TYR D 313 -53.93 22.29 -20.08
C TYR D 313 -53.82 21.88 -21.54
N LYS D 314 -54.92 22.06 -22.27
CA LYS D 314 -54.94 21.83 -23.73
C LYS D 314 -53.76 22.54 -24.37
N GLY D 315 -53.06 21.88 -25.27
CA GLY D 315 -51.87 22.52 -25.84
C GLY D 315 -50.64 22.58 -24.92
N ILE D 316 -50.43 21.52 -24.13
CA ILE D 316 -49.23 21.40 -23.29
C ILE D 316 -48.25 20.43 -23.94
N ASP D 317 -46.98 20.81 -24.03
CA ASP D 317 -45.98 19.91 -24.64
C ASP D 317 -45.38 18.92 -23.61
N LEU D 318 -45.94 17.71 -23.57
CA LEU D 318 -45.44 16.67 -22.68
C LEU D 318 -43.96 16.38 -22.89
N ASP D 319 -43.36 16.84 -23.98
CA ASP D 319 -41.93 16.65 -24.16
C ASP D 319 -41.13 17.48 -23.18
N HIS D 320 -41.77 18.51 -22.61
CA HIS D 320 -41.09 19.39 -21.69
C HIS D 320 -41.60 19.17 -20.27
N LEU D 321 -42.18 17.99 -20.04
CA LEU D 321 -42.50 17.57 -18.68
C LEU D 321 -41.34 16.75 -18.15
N LYS D 322 -40.85 17.08 -16.96
CA LYS D 322 -39.77 16.31 -16.32
C LYS D 322 -40.12 15.93 -14.87
N MET D 323 -40.45 14.68 -14.67
CA MET D 323 -40.86 14.18 -13.36
C MET D 323 -40.10 12.93 -12.97
N ILE D 324 -40.05 12.71 -11.66
CA ILE D 324 -39.50 11.50 -11.08
C ILE D 324 -40.49 11.06 -10.01
N ALA D 325 -40.84 9.78 -10.04
CA ALA D 325 -41.80 9.24 -9.10
C ALA D 325 -41.13 8.11 -8.39
N TYR D 326 -41.43 7.96 -7.10
CA TYR D 326 -41.16 6.73 -6.39
C TYR D 326 -42.50 6.27 -5.91
N GLY D 327 -43.09 5.30 -6.61
CA GLY D 327 -44.48 4.94 -6.31
C GLY D 327 -45.37 6.17 -6.42
N ASP D 328 -46.02 6.55 -5.32
CA ASP D 328 -46.90 7.73 -5.36
C ASP D 328 -46.13 9.04 -5.15
N ASP D 329 -45.03 8.98 -4.42
CA ASP D 329 -44.24 10.17 -4.26
C ASP D 329 -43.78 10.70 -5.62
N VAL D 330 -43.74 12.02 -5.76
CA VAL D 330 -43.32 12.62 -7.02
C VAL D 330 -42.87 14.06 -6.91
N ILE D 331 -41.80 14.35 -7.66
CA ILE D 331 -41.39 15.71 -7.90
C ILE D 331 -41.44 15.96 -9.43
N ALA D 332 -42.04 17.08 -9.81
CA ALA D 332 -42.29 17.36 -11.21
C ALA D 332 -42.01 18.81 -11.53
N SER D 333 -41.38 18.99 -12.68
CA SER D 333 -41.07 20.30 -13.22
C SER D 333 -41.81 20.55 -14.53
N TYR D 334 -41.94 21.83 -14.89
CA TYR D 334 -42.40 22.27 -16.21
C TYR D 334 -41.85 23.68 -16.46
N PRO D 335 -41.77 24.11 -17.75
CA PRO D 335 -41.27 25.47 -18.01
C PRO D 335 -42.17 26.61 -17.52
N HIS D 336 -43.50 26.40 -17.53
CA HIS D 336 -44.42 27.39 -16.98
C HIS D 336 -45.12 26.85 -15.74
N GLU D 337 -45.43 27.74 -14.80
CA GLU D 337 -46.10 27.32 -13.57
C GLU D 337 -47.36 26.54 -13.90
N VAL D 338 -47.67 25.53 -13.09
CA VAL D 338 -48.90 24.78 -13.26
C VAL D 338 -49.62 24.72 -11.91
N ASP D 339 -50.95 24.54 -11.96
CA ASP D 339 -51.84 24.72 -10.81
C ASP D 339 -52.30 23.37 -10.23
N ALA D 340 -51.65 22.94 -9.15
CA ALA D 340 -51.97 21.65 -8.54
C ALA D 340 -53.41 21.62 -8.08
N SER D 341 -53.92 22.77 -7.67
CA SER D 341 -55.32 22.91 -7.28
C SER D 341 -56.21 22.53 -8.45
N LEU D 342 -55.71 22.80 -9.67
CA LEU D 342 -56.49 22.57 -10.87
C LEU D 342 -56.43 21.12 -11.30
N LEU D 343 -55.24 20.52 -11.24
CA LEU D 343 -55.08 19.10 -11.57
C LEU D 343 -55.80 18.24 -10.55
N ALA D 344 -55.83 18.72 -9.31
CA ALA D 344 -56.54 18.01 -8.25
C ALA D 344 -58.01 17.82 -8.59
N GLN D 345 -58.63 18.85 -9.16
CA GLN D 345 -60.05 18.77 -9.55
C GLN D 345 -60.26 17.71 -10.67
N SER D 346 -59.37 17.70 -11.65
CA SER D 346 -59.43 16.67 -12.70
C SER D 346 -59.36 15.28 -12.07
N GLY D 347 -58.31 15.06 -11.28
CA GLY D 347 -58.07 13.77 -10.63
C GLY D 347 -59.30 13.12 -10.03
N LYS D 348 -60.19 13.95 -9.49
CA LYS D 348 -61.42 13.48 -8.86
C LYS D 348 -62.22 12.55 -9.78
N ASP D 349 -62.27 12.90 -11.07
CA ASP D 349 -63.00 12.12 -12.06
C ASP D 349 -62.28 10.81 -12.41
N TYR D 350 -61.21 10.50 -11.68
CA TYR D 350 -60.43 9.29 -11.96
C TYR D 350 -60.24 8.40 -10.72
N GLY D 351 -60.88 8.77 -9.62
CA GLY D 351 -60.76 7.98 -8.39
C GLY D 351 -59.54 8.40 -7.60
N LEU D 352 -58.79 9.37 -8.15
CA LEU D 352 -57.62 9.91 -7.48
C LEU D 352 -57.95 11.08 -6.57
N THR D 353 -57.57 10.95 -5.31
CA THR D 353 -57.79 11.99 -4.32
C THR D 353 -56.48 12.69 -4.01
N MET D 354 -56.34 13.92 -4.51
CA MET D 354 -55.05 14.62 -4.49
C MET D 354 -54.99 15.86 -3.61
N THR D 355 -54.20 15.77 -2.54
CA THR D 355 -54.08 16.84 -1.55
C THR D 355 -52.83 17.70 -1.75
N PRO D 356 -52.72 18.84 -1.04
CA PRO D 356 -51.52 19.67 -1.06
C PRO D 356 -50.24 19.00 -0.52
N ALA D 357 -49.11 19.28 -1.17
CA ALA D 357 -47.80 18.75 -0.79
C ALA D 357 -47.38 19.15 0.63
N ASP D 358 -46.52 18.33 1.24
CA ASP D 358 -46.05 18.62 2.59
C ASP D 358 -47.24 18.86 3.53
N LYS D 359 -48.29 18.05 3.38
CA LYS D 359 -49.49 18.10 4.21
C LYS D 359 -50.08 19.50 4.38
N SER D 360 -49.62 20.46 3.58
CA SER D 360 -50.04 21.85 3.71
C SER D 360 -51.55 22.03 3.74
N ALA D 361 -52.02 23.17 4.23
CA ALA D 361 -53.45 23.35 4.43
C ALA D 361 -54.15 23.52 3.07
N THR D 362 -53.76 24.53 2.30
CA THR D 362 -54.24 24.71 0.94
C THR D 362 -53.06 24.85 -0.02
N PHE D 363 -53.32 24.61 -1.30
CA PHE D 363 -52.28 24.59 -2.32
C PHE D 363 -51.45 25.85 -2.37
N GLU D 364 -50.15 25.67 -2.55
CA GLU D 364 -49.20 26.78 -2.57
C GLU D 364 -48.07 26.48 -3.59
N THR D 365 -47.28 27.47 -3.94
CA THR D 365 -46.32 27.31 -5.03
C THR D 365 -45.09 26.55 -4.59
N VAL D 366 -44.72 25.53 -5.35
CA VAL D 366 -43.57 24.72 -5.00
C VAL D 366 -42.30 25.38 -5.51
N THR D 367 -41.36 25.57 -4.58
CA THR D 367 -40.05 26.14 -4.87
C THR D 367 -38.99 25.16 -4.36
N TRP D 368 -37.72 25.39 -4.72
CA TRP D 368 -36.60 24.58 -4.21
C TRP D 368 -36.38 24.73 -2.70
N GLU D 369 -37.10 25.64 -2.08
CA GLU D 369 -37.03 25.88 -0.65
C GLU D 369 -38.02 25.00 0.16
N ASN D 370 -39.12 24.60 -0.49
CA ASN D 370 -40.17 23.92 0.23
C ASN D 370 -40.59 22.57 -0.39
N VAL D 371 -39.92 22.18 -1.48
CA VAL D 371 -40.19 20.87 -2.06
C VAL D 371 -39.52 19.74 -1.23
N THR D 372 -40.22 18.62 -1.13
CA THR D 372 -39.72 17.42 -0.48
C THR D 372 -39.76 16.23 -1.40
N PHE D 373 -38.83 15.30 -1.23
CA PHE D 373 -38.91 14.05 -1.98
C PHE D 373 -38.25 12.92 -1.16
N LEU D 374 -38.95 11.81 -1.02
CA LEU D 374 -38.56 10.73 -0.10
C LEU D 374 -38.35 11.33 1.30
N LYS D 375 -39.19 12.31 1.61
CA LYS D 375 -39.25 12.99 2.90
C LYS D 375 -38.04 13.92 3.18
N ARG D 376 -37.23 14.13 2.16
CA ARG D 376 -36.09 15.04 2.27
C ARG D 376 -36.32 16.41 1.62
N PHE D 377 -35.70 17.44 2.17
CA PHE D 377 -35.73 18.76 1.54
C PHE D 377 -34.49 18.93 0.70
N PHE D 378 -34.36 20.08 0.04
CA PHE D 378 -33.17 20.38 -0.78
C PHE D 378 -32.47 21.61 -0.24
N ARG D 379 -31.21 21.48 0.17
CA ARG D 379 -30.48 22.68 0.59
C ARG D 379 -29.08 22.65 0.00
N ALA D 380 -28.79 23.67 -0.81
CA ALA D 380 -27.49 23.84 -1.43
C ALA D 380 -26.41 23.95 -0.36
N ASP D 381 -25.27 23.31 -0.58
CA ASP D 381 -24.19 23.49 0.37
C ASP D 381 -23.76 24.96 0.40
N GLU D 382 -23.41 25.46 1.59
CA GLU D 382 -23.06 26.87 1.75
C GLU D 382 -21.71 27.20 1.14
N LYS D 383 -20.90 26.18 0.90
CA LYS D 383 -19.59 26.38 0.37
C LYS D 383 -19.53 25.90 -1.07
N TYR D 384 -20.34 24.89 -1.41
CA TYR D 384 -20.36 24.37 -2.77
C TYR D 384 -21.79 24.26 -3.27
N PRO D 385 -22.34 25.39 -3.75
CA PRO D 385 -23.77 25.59 -4.08
C PRO D 385 -24.31 24.71 -5.22
N PHE D 386 -23.45 23.96 -5.91
CA PHE D 386 -23.91 23.04 -6.92
C PHE D 386 -24.09 21.65 -6.31
N LEU D 387 -23.70 21.51 -5.04
CA LEU D 387 -23.98 20.29 -4.29
C LEU D 387 -25.18 20.50 -3.35
N ILE D 388 -26.15 19.60 -3.44
CA ILE D 388 -27.36 19.74 -2.68
C ILE D 388 -27.50 18.68 -1.59
N HIS D 389 -27.66 19.16 -0.36
CA HIS D 389 -27.97 18.30 0.77
C HIS D 389 -29.41 17.74 0.69
N PRO D 390 -29.53 16.40 0.74
CA PRO D 390 -30.84 15.80 1.04
C PRO D 390 -31.13 16.01 2.54
N VAL D 391 -32.19 16.73 2.89
CA VAL D 391 -32.33 17.09 4.30
C VAL D 391 -33.51 16.46 4.97
N MET D 392 -33.23 15.45 5.80
CA MET D 392 -34.24 14.88 6.69
C MET D 392 -34.40 15.76 7.90
N PRO D 393 -35.60 16.29 8.13
CA PRO D 393 -35.80 17.10 9.33
C PRO D 393 -35.57 16.30 10.64
N MET D 394 -34.97 16.96 11.64
CA MET D 394 -34.68 16.30 12.92
C MET D 394 -35.88 15.64 13.58
N LYS D 395 -37.05 16.22 13.38
CA LYS D 395 -38.29 15.71 13.95
C LYS D 395 -38.50 14.22 13.64
N GLU D 396 -38.38 13.86 12.37
CA GLU D 396 -38.62 12.47 12.01
C GLU D 396 -37.51 11.57 12.59
N ILE D 397 -36.31 12.10 12.64
CA ILE D 397 -35.18 11.39 13.21
C ILE D 397 -35.37 11.21 14.72
N HIS D 398 -35.85 12.26 15.40
CA HIS D 398 -36.24 12.15 16.81
C HIS D 398 -37.26 11.02 16.99
N GLU D 399 -38.31 10.99 16.18
CA GLU D 399 -39.30 9.91 16.33
C GLU D 399 -38.65 8.55 16.22
N SER D 400 -37.79 8.37 15.23
CA SER D 400 -37.20 7.04 15.04
C SER D 400 -36.41 6.57 16.25
N ILE D 401 -35.66 7.49 16.87
CA ILE D 401 -34.69 7.09 17.90
C ILE D 401 -35.35 6.68 19.21
N ARG D 402 -36.61 7.06 19.39
CA ARG D 402 -37.30 6.84 20.65
C ARG D 402 -37.86 5.40 20.79
N TRP D 403 -37.60 4.56 19.79
CA TRP D 403 -38.05 3.16 19.85
C TRP D 403 -36.98 2.18 19.35
N THR D 404 -37.29 0.89 19.44
CA THR D 404 -36.36 -0.14 18.99
C THR D 404 -37.07 -1.49 18.87
N LYS D 405 -36.64 -2.28 17.88
CA LYS D 405 -37.12 -3.62 17.62
C LYS D 405 -36.14 -4.63 18.19
N ASP D 406 -35.04 -4.12 18.77
CA ASP D 406 -34.06 -4.92 19.51
C ASP D 406 -32.89 -4.04 19.96
N PRO D 407 -32.78 -3.78 21.28
CA PRO D 407 -31.74 -2.96 21.89
C PRO D 407 -30.33 -3.43 21.56
N ARG D 408 -30.20 -4.68 21.17
CA ARG D 408 -28.90 -5.20 20.78
C ARG D 408 -28.34 -4.41 19.61
N ASN D 409 -29.21 -3.77 18.84
CA ASN D 409 -28.76 -3.09 17.65
C ASN D 409 -28.70 -1.60 17.81
N THR D 410 -28.58 -1.15 19.05
CA THR D 410 -28.72 0.27 19.32
C THR D 410 -27.66 1.10 18.61
N GLN D 411 -26.45 0.57 18.50
CA GLN D 411 -25.35 1.32 17.92
C GLN D 411 -25.56 1.55 16.43
N ASP D 412 -25.84 0.49 15.69
CA ASP D 412 -26.17 0.62 14.28
C ASP D 412 -27.35 1.58 14.05
N HIS D 413 -28.42 1.40 14.81
CA HIS D 413 -29.62 2.24 14.66
C HIS D 413 -29.20 3.69 14.76
N VAL D 414 -28.55 4.06 15.85
CA VAL D 414 -28.17 5.47 16.02
C VAL D 414 -27.12 5.93 14.99
N ARG D 415 -26.19 5.05 14.63
CA ARG D 415 -25.22 5.39 13.62
C ARG D 415 -25.91 5.78 12.29
N SER D 416 -26.94 5.05 11.90
CA SER D 416 -27.71 5.36 10.68
C SER D 416 -28.40 6.68 10.76
N LEU D 417 -28.90 7.02 11.94
CA LEU D 417 -29.59 8.28 12.06
C LEU D 417 -28.63 9.45 11.86
N CYS D 418 -27.39 9.29 12.30
CA CYS D 418 -26.45 10.40 12.18
C CYS D 418 -26.24 10.69 10.70
N LEU D 419 -26.09 9.64 9.91
CA LEU D 419 -25.96 9.81 8.47
C LEU D 419 -27.13 10.59 7.87
N LEU D 420 -28.34 10.35 8.33
CA LEU D 420 -29.44 11.22 7.88
C LEU D 420 -29.30 12.65 8.43
N ALA D 421 -28.91 12.76 9.69
CA ALA D 421 -29.13 13.98 10.44
C ALA D 421 -28.13 15.08 10.13
N TRP D 422 -26.88 14.68 9.92
CA TRP D 422 -25.84 15.67 9.66
C TRP D 422 -26.17 16.67 8.50
N HIS D 423 -26.96 16.25 7.51
CA HIS D 423 -27.36 17.20 6.46
C HIS D 423 -28.18 18.38 6.97
N ASN D 424 -28.56 18.39 8.24
CA ASN D 424 -29.25 19.57 8.75
C ASN D 424 -28.20 20.63 9.06
N GLY D 425 -26.93 20.26 8.99
CA GLY D 425 -25.83 21.18 9.25
C GLY D 425 -25.19 21.16 10.65
N GLU D 426 -23.87 21.36 10.72
CA GLU D 426 -23.07 21.27 11.97
C GLU D 426 -23.72 21.65 13.30
N GLU D 427 -24.47 22.74 13.32
CA GLU D 427 -25.08 23.18 14.58
C GLU D 427 -26.05 22.13 15.14
N GLU D 428 -27.15 21.87 14.40
CA GLU D 428 -28.14 20.88 14.81
C GLU D 428 -27.54 19.47 14.99
N TYR D 429 -26.55 19.14 14.16
CA TYR D 429 -25.90 17.84 14.32
C TYR D 429 -25.20 17.71 15.69
N ASN D 430 -24.30 18.64 16.01
CA ASN D 430 -23.62 18.56 17.30
C ASN D 430 -24.61 18.61 18.52
N LYS D 431 -25.77 19.23 18.33
CA LYS D 431 -26.76 19.35 19.40
C LYS D 431 -27.48 18.00 19.54
N PHE D 432 -27.42 17.29 18.43
CA PHE D 432 -27.95 15.96 18.38
C PHE D 432 -26.94 14.99 19.02
N LEU D 433 -25.67 15.14 18.70
CA LEU D 433 -24.69 14.29 19.36
C LEU D 433 -24.69 14.63 20.86
N ALA D 434 -25.02 15.87 21.19
CA ALA D 434 -25.00 16.24 22.59
C ALA D 434 -26.13 15.49 23.32
N LYS D 435 -27.35 15.54 22.79
CA LYS D 435 -28.47 14.85 23.43
C LYS D 435 -28.26 13.34 23.54
N ILE D 436 -27.67 12.72 22.53
CA ILE D 436 -27.39 11.28 22.63
C ILE D 436 -26.48 11.04 23.83
N ARG D 437 -25.54 11.94 24.00
CA ARG D 437 -24.47 11.71 24.95
C ARG D 437 -24.83 12.17 26.34
N SER D 438 -26.02 12.72 26.49
CA SER D 438 -26.45 13.17 27.80
C SER D 438 -26.96 12.00 28.67
N VAL D 439 -26.95 10.78 28.13
CA VAL D 439 -27.15 9.57 28.95
C VAL D 439 -26.01 8.58 28.80
N PRO D 440 -25.76 7.77 29.85
CA PRO D 440 -24.63 6.83 29.82
C PRO D 440 -24.55 5.96 28.57
N ILE D 441 -25.68 5.44 28.07
CA ILE D 441 -25.65 4.56 26.92
C ILE D 441 -25.14 5.37 25.71
N GLY D 442 -25.67 6.58 25.51
CA GLY D 442 -25.11 7.53 24.57
C GLY D 442 -23.59 7.49 24.53
N ARG D 443 -22.94 7.62 25.68
CA ARG D 443 -21.48 7.71 25.71
C ARG D 443 -20.79 6.38 25.48
N ALA D 444 -21.56 5.31 25.29
CA ALA D 444 -20.96 4.01 25.03
C ALA D 444 -20.90 3.73 23.51
N LEU D 445 -21.43 4.65 22.72
CA LEU D 445 -21.46 4.43 21.27
C LEU D 445 -20.27 5.05 20.52
N ASP D 446 -19.86 4.36 19.44
CA ASP D 446 -18.90 4.96 18.52
C ASP D 446 -19.69 5.75 17.46
N LEU D 447 -19.63 7.07 17.54
CA LEU D 447 -20.36 7.91 16.58
C LEU D 447 -19.46 8.77 15.72
N PRO D 448 -19.92 9.08 14.49
CA PRO D 448 -19.04 9.86 13.63
C PRO D 448 -19.23 11.36 13.85
N GLU D 449 -18.16 12.13 13.72
CA GLU D 449 -18.30 13.57 13.86
C GLU D 449 -18.59 14.23 12.50
N TYR D 450 -19.26 15.37 12.55
CA TYR D 450 -19.64 16.17 11.36
C TYR D 450 -18.56 16.36 10.32
N SER D 451 -17.41 16.85 10.74
CA SER D 451 -16.27 17.00 9.85
C SER D 451 -15.98 15.70 9.08
N THR D 452 -16.23 14.56 9.70
CA THR D 452 -15.90 13.30 9.05
C THR D 452 -16.88 13.01 7.95
N LEU D 453 -18.16 13.26 8.25
CA LEU D 453 -19.23 12.99 7.31
C LEU D 453 -19.14 13.97 6.13
N TYR D 454 -19.03 15.26 6.45
CA TYR D 454 -18.85 16.31 5.44
C TYR D 454 -17.69 16.04 4.50
N ARG D 455 -16.62 15.42 5.02
CA ARG D 455 -15.49 15.01 4.19
C ARG D 455 -15.81 13.85 3.28
N ARG D 456 -16.40 12.81 3.85
CA ARG D 456 -16.65 11.57 3.12
C ARG D 456 -17.66 11.79 2.01
N TRP D 457 -18.60 12.69 2.29
CA TRP D 457 -19.59 13.13 1.34
C TRP D 457 -18.96 13.81 0.13
N LEU D 458 -18.18 14.86 0.41
CA LEU D 458 -17.52 15.64 -0.62
C LEU D 458 -16.66 14.75 -1.49
N ASP D 459 -16.07 13.73 -0.87
CA ASP D 459 -15.19 12.81 -1.57
C ASP D 459 -15.94 11.83 -2.47
N SER D 460 -17.25 11.74 -2.36
CA SER D 460 -17.93 10.66 -3.04
C SER D 460 -18.36 11.12 -4.42
N PHE D 461 -18.34 12.44 -4.63
CA PHE D 461 -18.28 12.98 -5.99
C PHE D 461 -16.84 12.85 -6.53
N GLY D 462 -16.42 11.68 -7.02
CA GLY D 462 -15.03 11.46 -7.44
C GLY D 462 -14.70 10.07 -7.94
#